data_9CUC
#
_entry.id   9CUC
#
_cell.length_a   66.527
_cell.length_b   70.589
_cell.length_c   119.831
_cell.angle_alpha   90.00
_cell.angle_beta   94.23
_cell.angle_gamma   90.00
#
_symmetry.space_group_name_H-M   'P 1 21 1'
#
loop_
_entity.id
_entity.type
_entity.pdbx_description
1 polymer 'Stimulator of interferon genes protein'
2 non-polymer '(3S,4S)-2-(4-tert-butyl-3-chlorophenyl)-3-(2,3-dihydro-1,4-benzodioxin-6-yl)-1-oxo-1,2,3,4-tetrahydroisoquinoline-4-carboxylic acid'
3 water water
#
_entity_poly.entity_id   1
_entity_poly.type   'polypeptide(L)'
_entity_poly.pdbx_seq_one_letter_code
;MGSSHHHHHHSSGETVRFQGHMSVAHGLAWSYYIGYLRLILPELQARIRTYNQHYNNLLRGAVSQRLYILLPLDCGVPDN
LSMADPNIRFLDKLPQQTADRAGIKDRVYSNSIYELLENGQRAGTCVLEYATPLQTLFAMSQYSQAGFSREDRLEQAKLF
CQTLEDILADAPESQNNCRLIAYQEPADDSSFSLSQEVLRHLRQEEKEEV
;
_entity_poly.pdbx_strand_id   A,B,C,D,E,F
#
# COMPACT_ATOMS: atom_id res chain seq x y z
N SER A 23 13.19 11.28 6.71
CA SER A 23 13.29 12.48 5.88
C SER A 23 11.97 12.77 5.15
N VAL A 24 11.12 13.67 5.73
CA VAL A 24 9.83 14.06 5.13
C VAL A 24 9.90 14.61 3.69
N ALA A 25 11.05 15.14 3.28
CA ALA A 25 11.23 15.74 1.97
C ALA A 25 11.06 14.77 0.82
N HIS A 26 11.41 13.48 0.98
N HIS A 26 11.40 13.49 0.97
CA HIS A 26 11.25 12.49 -0.09
CA HIS A 26 11.25 12.49 -0.09
C HIS A 26 9.78 12.27 -0.46
C HIS A 26 9.77 12.28 -0.46
N GLY A 27 8.91 12.24 0.55
CA GLY A 27 7.49 12.05 0.38
C GLY A 27 6.82 13.28 -0.18
N LEU A 28 7.27 14.46 0.27
CA LEU A 28 6.74 15.76 -0.18
C LEU A 28 7.08 16.03 -1.66
N ALA A 29 8.32 15.71 -2.09
CA ALA A 29 8.77 15.90 -3.48
C ALA A 29 8.09 14.91 -4.43
N TRP A 30 7.88 13.65 -4.00
CA TRP A 30 7.21 12.66 -4.84
C TRP A 30 5.74 12.96 -5.02
N SER A 31 5.06 13.45 -3.96
CA SER A 31 3.65 13.83 -4.04
C SER A 31 3.45 15.08 -4.90
N TYR A 32 4.35 16.07 -4.77
CA TYR A 32 4.31 17.31 -5.56
C TYR A 32 4.40 16.98 -7.05
N TYR A 33 5.34 16.11 -7.43
CA TYR A 33 5.45 15.70 -8.83
C TYR A 33 4.29 14.82 -9.29
N ILE A 34 4.07 13.65 -8.64
CA ILE A 34 3.10 12.64 -9.06
C ILE A 34 1.65 13.11 -9.01
N GLY A 35 1.33 14.00 -8.08
CA GLY A 35 -0.03 14.46 -7.92
C GLY A 35 -0.35 15.81 -8.54
N TYR A 36 0.65 16.48 -9.12
CA TYR A 36 0.43 17.81 -9.64
C TYR A 36 1.27 18.19 -10.87
N LEU A 37 2.62 18.27 -10.75
CA LEU A 37 3.49 18.67 -11.88
C LEU A 37 3.40 17.73 -13.08
N ARG A 38 3.36 16.42 -12.83
CA ARG A 38 3.23 15.38 -13.86
C ARG A 38 1.95 15.61 -14.67
N LEU A 39 0.89 16.12 -14.05
CA LEU A 39 -0.39 16.37 -14.71
C LEU A 39 -0.49 17.75 -15.44
N ILE A 40 0.06 18.83 -14.86
CA ILE A 40 -0.06 20.16 -15.47
C ILE A 40 1.06 20.53 -16.48
N LEU A 41 2.31 20.06 -16.27
CA LEU A 41 3.42 20.44 -17.14
C LEU A 41 3.31 19.93 -18.60
N PRO A 42 2.78 18.72 -18.91
CA PRO A 42 2.68 18.32 -20.33
C PRO A 42 1.66 19.14 -21.14
N GLU A 43 0.70 19.82 -20.46
CA GLU A 43 -0.31 20.63 -21.12
C GLU A 43 -0.12 22.13 -21.00
N LEU A 44 0.92 22.58 -20.28
CA LEU A 44 1.21 24.00 -20.02
C LEU A 44 1.63 24.76 -21.27
N GLN A 45 2.45 24.14 -22.15
CA GLN A 45 2.90 24.78 -23.37
C GLN A 45 1.71 25.16 -24.27
N ALA A 46 0.71 24.28 -24.40
CA ALA A 46 -0.47 24.57 -25.21
C ALA A 46 -1.32 25.66 -24.59
N ARG A 47 -1.40 25.71 -23.25
CA ARG A 47 -2.18 26.71 -22.52
C ARG A 47 -1.56 28.10 -22.65
N ILE A 48 -0.22 28.19 -22.61
CA ILE A 48 0.47 29.47 -22.77
C ILE A 48 0.41 29.92 -24.24
N ARG A 49 0.50 28.98 -25.18
CA ARG A 49 0.38 29.27 -26.60
C ARG A 49 -1.02 29.81 -26.90
N THR A 50 -2.06 29.22 -26.31
CA THR A 50 -3.44 29.66 -26.49
C THR A 50 -3.64 31.08 -25.98
N TYR A 51 -3.17 31.36 -24.76
CA TYR A 51 -3.25 32.68 -24.12
C TYR A 51 -2.51 33.74 -24.95
N ASN A 52 -1.35 33.40 -25.53
CA ASN A 52 -0.58 34.32 -26.36
C ASN A 52 -1.30 34.61 -27.68
N GLN A 53 -1.96 33.60 -28.25
CA GLN A 53 -2.73 33.74 -29.49
C GLN A 53 -3.96 34.64 -29.25
N HIS A 54 -4.58 34.48 -28.09
CA HIS A 54 -5.77 35.19 -27.65
C HIS A 54 -5.48 36.69 -27.54
N TYR A 55 -4.34 37.05 -26.93
CA TYR A 55 -3.95 38.42 -26.68
C TYR A 55 -2.70 38.91 -27.43
N ASN A 56 -2.85 39.99 -28.17
CA ASN A 56 -1.74 40.60 -28.89
C ASN A 56 -1.06 41.68 -28.02
N GLY A 61 2.86 41.91 -26.08
CA GLY A 61 3.01 41.25 -24.78
C GLY A 61 2.89 39.75 -24.88
N ALA A 62 3.84 39.00 -24.28
CA ALA A 62 3.81 37.55 -24.37
C ALA A 62 4.37 36.82 -23.16
N VAL A 63 3.62 35.83 -22.68
CA VAL A 63 3.97 34.99 -21.53
C VAL A 63 5.04 33.96 -21.91
N SER A 64 6.12 33.84 -21.09
CA SER A 64 7.19 32.87 -21.30
C SER A 64 6.65 31.44 -21.13
N GLN A 65 7.15 30.48 -21.91
CA GLN A 65 6.64 29.12 -22.05
C GLN A 65 6.86 28.09 -20.89
N ARG A 66 7.31 28.51 -19.70
CA ARG A 66 7.52 27.54 -18.61
C ARG A 66 6.87 27.98 -17.31
N LEU A 67 6.76 27.06 -16.32
CA LEU A 67 6.22 27.35 -15.00
C LEU A 67 7.39 27.56 -14.07
N TYR A 68 7.53 28.78 -13.57
CA TYR A 68 8.60 29.09 -12.64
C TYR A 68 8.10 28.80 -11.21
N ILE A 69 8.79 27.90 -10.52
CA ILE A 69 8.39 27.48 -9.20
C ILE A 69 9.28 28.12 -8.18
N LEU A 70 8.70 28.86 -7.23
CA LEU A 70 9.46 29.52 -6.18
C LEU A 70 9.71 28.54 -5.05
N LEU A 71 10.96 28.31 -4.70
CA LEU A 71 11.31 27.44 -3.60
C LEU A 71 12.06 28.24 -2.53
N PRO A 72 11.34 29.03 -1.70
CA PRO A 72 12.03 29.71 -0.59
C PRO A 72 12.54 28.66 0.40
N LEU A 73 13.85 28.59 0.61
CA LEU A 73 14.41 27.61 1.53
C LEU A 73 13.99 27.84 3.00
N ASP A 74 13.42 29.04 3.31
CA ASP A 74 12.85 29.33 4.64
C ASP A 74 11.44 28.72 4.84
N CYS A 75 10.83 28.19 3.75
CA CYS A 75 9.52 27.55 3.71
C CYS A 75 8.35 28.50 3.99
N GLY A 76 8.57 29.81 3.81
CA GLY A 76 7.56 30.83 4.00
C GLY A 76 6.77 31.06 2.74
N VAL A 77 5.51 30.66 2.73
CA VAL A 77 4.62 30.79 1.57
C VAL A 77 3.50 31.76 1.93
N PRO A 78 3.50 32.98 1.36
CA PRO A 78 2.43 33.94 1.68
C PRO A 78 1.07 33.60 1.07
N ASP A 79 -0.01 34.28 1.52
CA ASP A 79 -1.36 34.05 1.02
C ASP A 79 -1.48 34.42 -0.45
N ASN A 80 -0.88 35.55 -0.83
CA ASN A 80 -0.81 36.02 -2.22
C ASN A 80 0.66 36.24 -2.58
N LEU A 81 1.08 35.80 -3.75
CA LEU A 81 2.48 35.97 -4.20
C LEU A 81 2.86 37.46 -4.37
N SER A 82 1.90 38.31 -4.74
CA SER A 82 2.11 39.76 -4.90
C SER A 82 2.52 40.48 -3.60
N MET A 83 2.25 39.87 -2.44
CA MET A 83 2.60 40.44 -1.13
C MET A 83 4.12 40.37 -0.84
N ALA A 84 4.82 39.41 -1.46
CA ALA A 84 6.27 39.21 -1.28
C ALA A 84 7.16 40.29 -1.94
N ASP A 85 6.66 41.02 -2.97
CA ASP A 85 7.43 42.06 -3.68
C ASP A 85 6.48 42.99 -4.46
N PRO A 86 6.55 44.33 -4.27
CA PRO A 86 5.68 45.23 -5.06
C PRO A 86 6.04 45.29 -6.54
N ASN A 87 7.16 44.69 -6.95
CA ASN A 87 7.54 44.63 -8.37
C ASN A 87 7.01 43.36 -9.06
N ILE A 88 6.08 42.61 -8.42
CA ILE A 88 5.45 41.39 -8.95
C ILE A 88 3.94 41.64 -8.94
N ARG A 89 3.40 42.11 -10.08
CA ARG A 89 1.99 42.45 -10.21
C ARG A 89 1.20 41.32 -10.85
N PHE A 90 0.02 41.00 -10.28
CA PHE A 90 -0.83 39.96 -10.84
C PHE A 90 -1.40 40.47 -12.17
N LEU A 91 -1.19 39.70 -13.23
CA LEU A 91 -1.63 40.07 -14.57
C LEU A 91 -2.96 39.38 -14.87
N ASP A 92 -2.97 38.04 -14.85
CA ASP A 92 -4.14 37.27 -15.21
C ASP A 92 -4.01 35.80 -14.78
N LYS A 93 -5.08 35.04 -14.86
CA LYS A 93 -5.04 33.60 -14.59
C LYS A 93 -4.85 32.91 -15.93
N LEU A 94 -4.06 31.84 -15.96
CA LEU A 94 -3.85 31.06 -17.17
C LEU A 94 -5.04 30.10 -17.23
N PRO A 95 -5.88 30.20 -18.27
CA PRO A 95 -7.08 29.35 -18.34
C PRO A 95 -6.83 27.84 -18.46
N GLN A 96 -7.87 27.07 -18.07
CA GLN A 96 -7.97 25.60 -18.02
C GLN A 96 -7.25 25.02 -16.79
N SER A 110 -5.38 25.95 -11.60
CA SER A 110 -5.36 27.41 -11.50
C SER A 110 -3.93 27.99 -11.39
N ASN A 111 -3.39 28.50 -12.50
CA ASN A 111 -2.06 29.10 -12.49
C ASN A 111 -2.15 30.61 -12.75
N SER A 112 -1.21 31.40 -12.23
CA SER A 112 -1.24 32.85 -12.41
C SER A 112 -0.05 33.42 -13.21
N ILE A 113 -0.34 34.42 -14.02
CA ILE A 113 0.64 35.13 -14.82
C ILE A 113 0.96 36.44 -14.09
N TYR A 114 2.25 36.79 -14.01
CA TYR A 114 2.67 38.01 -13.33
C TYR A 114 3.61 38.82 -14.20
N GLU A 115 3.59 40.13 -14.02
CA GLU A 115 4.53 41.00 -14.70
C GLU A 115 5.59 41.37 -13.69
N LEU A 116 6.85 41.15 -14.03
CA LEU A 116 7.97 41.48 -13.18
C LEU A 116 8.44 42.89 -13.55
N LEU A 117 8.68 43.75 -12.55
CA LEU A 117 9.08 45.12 -12.80
C LEU A 117 10.51 45.40 -12.34
N GLU A 118 11.19 46.23 -13.10
CA GLU A 118 12.54 46.66 -12.78
C GLU A 118 12.59 48.14 -13.09
N ASN A 119 12.67 48.97 -12.04
CA ASN A 119 12.68 50.43 -12.17
C ASN A 119 11.38 50.99 -12.76
N GLY A 120 10.26 50.36 -12.44
CA GLY A 120 8.94 50.78 -12.90
C GLY A 120 8.54 50.28 -14.28
N GLN A 121 9.46 49.65 -15.01
CA GLN A 121 9.17 49.14 -16.36
C GLN A 121 8.94 47.62 -16.35
N ARG A 122 8.10 47.11 -17.25
CA ARG A 122 7.80 45.67 -17.35
C ARG A 122 8.99 44.90 -17.91
N ALA A 123 9.77 44.26 -17.01
CA ALA A 123 10.96 43.48 -17.35
C ALA A 123 10.71 42.01 -17.69
N GLY A 124 9.49 41.53 -17.51
CA GLY A 124 9.17 40.13 -17.81
C GLY A 124 7.74 39.74 -17.50
N THR A 125 7.26 38.64 -18.09
CA THR A 125 5.90 38.14 -17.92
C THR A 125 5.98 36.62 -17.88
N CYS A 126 5.57 35.99 -16.77
CA CYS A 126 5.66 34.53 -16.65
C CYS A 126 4.60 33.94 -15.74
N VAL A 127 4.43 32.63 -15.82
CA VAL A 127 3.54 31.86 -14.96
C VAL A 127 4.41 31.54 -13.75
N LEU A 128 4.00 32.01 -12.58
CA LEU A 128 4.81 31.85 -11.37
C LEU A 128 3.96 31.39 -10.18
N GLU A 129 4.54 30.55 -9.34
CA GLU A 129 3.86 30.03 -8.14
C GLU A 129 4.85 29.38 -7.19
N TYR A 130 4.47 29.26 -5.91
CA TYR A 130 5.33 28.64 -4.91
C TYR A 130 5.22 27.12 -4.91
N ALA A 131 6.29 26.44 -4.44
CA ALA A 131 6.22 24.99 -4.27
C ALA A 131 5.43 24.84 -2.95
N THR A 132 4.10 24.66 -3.03
CA THR A 132 3.22 24.64 -1.84
C THR A 132 3.58 23.53 -0.81
N PRO A 133 4.07 22.32 -1.18
CA PRO A 133 4.47 21.35 -0.14
C PRO A 133 5.47 21.85 0.89
N LEU A 134 6.18 22.98 0.62
CA LEU A 134 7.09 23.57 1.60
C LEU A 134 6.34 24.02 2.86
N GLN A 135 5.00 24.26 2.76
CA GLN A 135 4.17 24.65 3.92
C GLN A 135 4.12 23.55 4.97
N THR A 136 4.30 22.27 4.59
CA THR A 136 4.33 21.19 5.57
C THR A 136 5.57 21.35 6.46
N LEU A 137 6.71 21.65 5.86
CA LEU A 137 7.95 21.86 6.58
C LEU A 137 7.88 23.06 7.53
N PHE A 138 7.27 24.17 7.09
CA PHE A 138 7.11 25.35 7.92
C PHE A 138 6.17 25.05 9.10
N ALA A 139 5.03 24.41 8.84
CA ALA A 139 4.08 24.06 9.88
C ALA A 139 4.71 23.08 10.86
N MET A 140 5.52 22.12 10.38
CA MET A 140 6.21 21.16 11.26
C MET A 140 7.17 21.85 12.20
N SER A 141 7.85 22.92 11.69
CA SER A 141 8.80 23.69 12.48
C SER A 141 8.12 24.51 13.58
N GLN A 142 6.80 24.76 13.50
CA GLN A 142 6.04 25.51 14.51
C GLN A 142 5.27 24.57 15.48
N TYR A 143 5.10 23.28 15.11
CA TYR A 143 4.41 22.27 15.93
C TYR A 143 5.43 21.64 16.89
N SER A 144 5.38 22.03 18.17
CA SER A 144 6.36 21.63 19.16
C SER A 144 6.60 20.10 19.27
N GLN A 145 5.54 19.28 19.31
CA GLN A 145 5.65 17.82 19.41
C GLN A 145 6.44 17.12 18.29
N ALA A 146 6.57 17.76 17.11
CA ALA A 146 7.33 17.15 16.02
C ALA A 146 8.83 17.08 16.31
N GLY A 147 9.34 17.98 17.17
CA GLY A 147 10.76 18.06 17.51
C GLY A 147 11.59 18.31 16.26
N PHE A 148 11.08 19.25 15.42
CA PHE A 148 11.61 19.60 14.10
C PHE A 148 12.03 21.07 14.17
N SER A 149 13.35 21.32 14.26
CA SER A 149 13.94 22.64 14.40
C SER A 149 14.02 23.43 13.09
N ARG A 150 14.41 24.72 13.15
CA ARG A 150 14.59 25.51 11.92
C ARG A 150 15.82 25.03 11.12
N GLU A 151 16.80 24.39 11.81
CA GLU A 151 17.97 23.79 11.19
C GLU A 151 17.53 22.54 10.43
N ASP A 152 16.67 21.70 11.04
CA ASP A 152 16.09 20.50 10.42
C ASP A 152 15.22 20.90 9.22
N ARG A 153 14.49 22.02 9.34
CA ARG A 153 13.61 22.55 8.28
C ARG A 153 14.39 22.97 7.07
N LEU A 154 15.54 23.62 7.26
CA LEU A 154 16.39 24.05 6.16
C LEU A 154 16.99 22.82 5.43
N GLU A 155 17.36 21.77 6.18
CA GLU A 155 17.93 20.53 5.65
C GLU A 155 16.91 19.78 4.79
N GLN A 156 15.62 19.82 5.20
CA GLN A 156 14.56 19.18 4.45
C GLN A 156 14.16 20.04 3.25
N ALA A 157 14.18 21.38 3.37
CA ALA A 157 13.85 22.25 2.22
C ALA A 157 14.84 22.06 1.08
N LYS A 158 16.13 21.86 1.43
CA LYS A 158 17.20 21.61 0.48
C LYS A 158 17.03 20.21 -0.15
N LEU A 159 16.73 19.21 0.69
CA LEU A 159 16.50 17.83 0.25
C LEU A 159 15.27 17.76 -0.70
N PHE A 160 14.23 18.54 -0.45
CA PHE A 160 13.04 18.61 -1.27
C PHE A 160 13.40 19.13 -2.67
N CYS A 161 14.25 20.15 -2.73
N CYS A 161 14.27 20.15 -2.74
CA CYS A 161 14.69 20.74 -4.00
CA CYS A 161 14.74 20.75 -3.99
C CYS A 161 15.58 19.76 -4.79
C CYS A 161 15.57 19.75 -4.78
N GLN A 162 16.49 19.04 -4.09
CA GLN A 162 17.38 18.06 -4.70
C GLN A 162 16.61 16.84 -5.22
N THR A 163 15.68 16.33 -4.40
CA THR A 163 14.85 15.18 -4.78
C THR A 163 13.96 15.56 -5.95
N LEU A 164 13.43 16.79 -5.98
CA LEU A 164 12.57 17.24 -7.07
C LEU A 164 13.36 17.35 -8.36
N GLU A 165 14.61 17.84 -8.30
CA GLU A 165 15.42 17.95 -9.52
C GLU A 165 15.88 16.56 -10.00
N ASP A 166 16.01 15.56 -9.10
CA ASP A 166 16.31 14.17 -9.45
C ASP A 166 15.09 13.54 -10.19
N ILE A 167 13.90 13.88 -9.73
CA ILE A 167 12.66 13.41 -10.32
C ILE A 167 12.50 14.05 -11.71
N LEU A 168 12.70 15.36 -11.79
CA LEU A 168 12.57 16.07 -13.07
C LEU A 168 13.60 15.66 -14.11
N ALA A 169 14.77 15.18 -13.68
CA ALA A 169 15.81 14.71 -14.57
C ALA A 169 15.30 13.55 -15.45
N ASP A 170 14.48 12.67 -14.86
CA ASP A 170 13.89 11.51 -15.52
C ASP A 170 12.58 11.80 -16.25
N ALA A 171 11.98 12.97 -16.07
CA ALA A 171 10.74 13.33 -16.75
C ALA A 171 11.08 14.44 -17.79
N PRO A 172 11.27 14.07 -19.07
CA PRO A 172 11.67 15.06 -20.10
C PRO A 172 10.68 16.22 -20.36
N GLU A 173 9.39 15.91 -20.63
CA GLU A 173 8.35 16.90 -20.84
C GLU A 173 8.12 17.78 -19.60
N SER A 174 8.46 17.29 -18.39
CA SER A 174 8.31 18.08 -17.18
C SER A 174 9.52 19.02 -16.90
N GLN A 175 10.77 18.52 -17.09
CA GLN A 175 11.98 19.32 -16.87
C GLN A 175 12.08 20.48 -17.87
N ASN A 176 11.59 20.28 -19.09
CA ASN A 176 11.59 21.35 -20.09
C ASN A 176 10.41 22.33 -19.93
N ASN A 177 9.38 21.96 -19.14
CA ASN A 177 8.23 22.84 -18.95
C ASN A 177 8.23 23.55 -17.59
N CYS A 178 9.28 23.37 -16.75
CA CYS A 178 9.34 24.07 -15.47
CA CYS A 178 9.34 24.07 -15.47
C CYS A 178 10.77 24.49 -15.09
N ARG A 179 10.89 25.52 -14.25
CA ARG A 179 12.17 26.01 -13.76
C ARG A 179 12.04 26.25 -12.26
N LEU A 180 12.96 25.67 -11.49
CA LEU A 180 12.95 25.78 -10.05
C LEU A 180 13.85 26.91 -9.60
N ILE A 181 13.29 27.83 -8.83
CA ILE A 181 14.03 28.97 -8.31
C ILE A 181 14.18 28.80 -6.79
N ALA A 182 15.30 28.20 -6.35
CA ALA A 182 15.56 28.01 -4.94
C ALA A 182 16.35 29.20 -4.41
N TYR A 183 15.94 29.74 -3.26
CA TYR A 183 16.61 30.90 -2.69
C TYR A 183 16.56 30.98 -1.19
N GLN A 184 17.61 31.56 -0.63
CA GLN A 184 17.74 31.88 0.78
C GLN A 184 17.79 33.41 0.85
N GLU A 185 17.03 34.01 1.78
CA GLU A 185 17.06 35.45 1.95
C GLU A 185 18.29 35.83 2.78
N PRO A 186 19.01 36.92 2.43
CA PRO A 186 20.21 37.27 3.19
C PRO A 186 19.91 37.71 4.62
N SER A 191 16.61 44.53 1.60
CA SER A 191 17.84 43.80 1.33
C SER A 191 17.68 42.68 0.27
N PHE A 192 16.44 42.14 0.08
CA PHE A 192 16.20 41.07 -0.91
C PHE A 192 15.08 41.40 -1.88
N SER A 193 15.30 41.15 -3.16
CA SER A 193 14.31 41.41 -4.19
C SER A 193 13.96 40.10 -4.87
N LEU A 194 12.72 39.64 -4.68
CA LEU A 194 12.26 38.40 -5.27
C LEU A 194 12.10 38.55 -6.78
N SER A 195 11.63 39.73 -7.26
CA SER A 195 11.49 39.98 -8.69
C SER A 195 12.84 39.92 -9.38
N GLN A 196 13.92 40.36 -8.71
CA GLN A 196 15.26 40.30 -9.28
C GLN A 196 15.74 38.86 -9.42
N GLU A 197 15.49 38.05 -8.40
CA GLU A 197 15.82 36.63 -8.36
C GLU A 197 15.12 35.88 -9.52
N VAL A 198 13.83 36.17 -9.74
CA VAL A 198 13.09 35.55 -10.84
C VAL A 198 13.62 36.02 -12.20
N LEU A 199 13.82 37.33 -12.36
CA LEU A 199 14.33 37.92 -13.59
C LEU A 199 15.66 37.32 -14.03
N ARG A 200 16.55 37.04 -13.07
CA ARG A 200 17.85 36.42 -13.36
C ARG A 200 17.67 35.05 -14.05
N HIS A 201 16.72 34.26 -13.58
CA HIS A 201 16.44 32.94 -14.14
C HIS A 201 15.80 33.05 -15.52
N LEU A 202 14.91 34.03 -15.72
CA LEU A 202 14.24 34.28 -17.00
C LEU A 202 15.26 34.51 -18.10
N ARG A 203 16.33 35.26 -17.80
CA ARG A 203 17.39 35.58 -18.76
C ARG A 203 18.43 34.45 -18.92
N MET B 22 15.03 5.74 1.57
CA MET B 22 14.20 6.86 1.17
C MET B 22 12.73 6.48 1.10
N SER B 23 12.02 6.58 2.24
CA SER B 23 10.63 6.19 2.28
C SER B 23 9.68 7.40 2.18
N VAL B 24 8.81 7.40 1.17
CA VAL B 24 7.83 8.45 0.93
C VAL B 24 6.71 8.57 2.00
N ALA B 25 6.43 7.48 2.72
CA ALA B 25 5.36 7.46 3.68
C ALA B 25 5.52 8.43 4.84
N HIS B 26 6.75 8.71 5.28
N HIS B 26 6.75 8.72 5.28
CA HIS B 26 6.97 9.65 6.39
CA HIS B 26 6.97 9.65 6.39
C HIS B 26 6.53 11.07 6.05
C HIS B 26 6.52 11.07 6.04
N GLY B 27 6.79 11.49 4.80
CA GLY B 27 6.41 12.80 4.30
C GLY B 27 4.93 12.92 4.04
N LEU B 28 4.33 11.84 3.53
CA LEU B 28 2.88 11.74 3.26
C LEU B 28 2.04 11.78 4.55
N ALA B 29 2.48 11.07 5.61
CA ALA B 29 1.78 11.05 6.89
C ALA B 29 1.91 12.38 7.64
N TRP B 30 3.09 13.03 7.57
CA TRP B 30 3.27 14.32 8.25
C TRP B 30 2.49 15.43 7.57
N SER B 31 2.41 15.41 6.23
CA SER B 31 1.65 16.42 5.49
CA SER B 31 1.65 16.40 5.50
C SER B 31 0.14 16.23 5.70
N TYR B 32 -0.34 14.97 5.71
CA TYR B 32 -1.75 14.65 5.93
C TYR B 32 -2.20 15.19 7.28
N TYR B 33 -1.39 14.97 8.34
CA TYR B 33 -1.72 15.50 9.65
C TYR B 33 -1.57 17.03 9.73
N ILE B 34 -0.36 17.57 9.49
CA ILE B 34 -0.07 18.98 9.72
C ILE B 34 -0.83 19.94 8.77
N GLY B 35 -1.18 19.47 7.57
CA GLY B 35 -1.88 20.32 6.63
C GLY B 35 -3.38 20.13 6.55
N TYR B 36 -3.92 19.15 7.29
CA TYR B 36 -5.34 18.85 7.19
C TYR B 36 -5.99 18.35 8.49
N LEU B 37 -5.60 17.17 9.02
CA LEU B 37 -6.21 16.63 10.24
C LEU B 37 -6.06 17.54 11.46
N ARG B 38 -4.87 18.12 11.63
CA ARG B 38 -4.59 19.03 12.74
C ARG B 38 -5.55 20.23 12.71
N LEU B 39 -5.98 20.66 11.52
CA LEU B 39 -6.88 21.79 11.34
C LEU B 39 -8.40 21.43 11.47
N ILE B 40 -8.83 20.27 10.95
CA ILE B 40 -10.27 19.92 11.01
C ILE B 40 -10.72 19.14 12.26
N LEU B 41 -9.84 18.29 12.85
CA LEU B 41 -10.21 17.47 14.01
C LEU B 41 -10.56 18.26 15.30
N PRO B 42 -9.89 19.39 15.64
CA PRO B 42 -10.29 20.13 16.86
C PRO B 42 -11.67 20.80 16.77
N GLU B 43 -12.20 20.99 15.55
CA GLU B 43 -13.50 21.62 15.35
C GLU B 43 -14.61 20.66 14.89
N LEU B 44 -14.28 19.37 14.67
CA LEU B 44 -15.21 18.35 14.17
C LEU B 44 -16.32 17.99 15.19
N GLN B 45 -15.98 17.91 16.48
CA GLN B 45 -16.97 17.59 17.50
C GLN B 45 -18.08 18.62 17.54
N ALA B 46 -17.75 19.91 17.43
CA ALA B 46 -18.74 20.98 17.44
C ALA B 46 -19.61 20.95 16.17
N ARG B 47 -19.01 20.58 15.03
CA ARG B 47 -19.72 20.51 13.75
C ARG B 47 -20.73 19.35 13.73
N ILE B 48 -20.37 18.20 14.33
CA ILE B 48 -21.29 17.07 14.39
C ILE B 48 -22.42 17.36 15.41
N ARG B 49 -22.08 17.98 16.54
CA ARG B 49 -23.08 18.35 17.54
C ARG B 49 -24.06 19.39 16.97
N THR B 50 -23.56 20.33 16.14
CA THR B 50 -24.42 21.34 15.51
C THR B 50 -25.42 20.67 14.57
N TYR B 51 -24.92 19.76 13.70
CA TYR B 51 -25.71 19.01 12.73
C TYR B 51 -26.76 18.14 13.44
N ASN B 52 -26.40 17.52 14.56
CA ASN B 52 -27.33 16.69 15.33
C ASN B 52 -28.42 17.53 15.98
N GLN B 53 -28.07 18.74 16.45
CA GLN B 53 -29.03 19.67 17.05
C GLN B 53 -30.01 20.20 15.99
N HIS B 54 -29.51 20.44 14.78
CA HIS B 54 -30.23 20.94 13.62
C HIS B 54 -31.33 19.94 13.21
N TYR B 55 -31.00 18.65 13.18
CA TYR B 55 -31.91 17.59 12.75
C TYR B 55 -32.30 16.61 13.88
N VAL B 63 -24.99 11.62 13.04
CA VAL B 63 -24.60 11.14 14.37
C VAL B 63 -23.09 10.65 14.35
N SER B 64 -22.56 10.10 15.47
CA SER B 64 -21.19 9.57 15.66
C SER B 64 -20.13 10.65 15.62
N GLN B 65 -19.55 10.96 16.78
CA GLN B 65 -18.63 12.08 17.00
C GLN B 65 -17.19 11.98 16.43
N ARG B 66 -16.85 11.00 15.59
CA ARG B 66 -15.49 10.90 15.06
C ARG B 66 -15.42 10.89 13.54
N LEU B 67 -14.21 11.15 12.98
CA LEU B 67 -13.95 11.10 11.54
C LEU B 67 -13.33 9.74 11.28
N TYR B 68 -14.01 8.93 10.50
CA TYR B 68 -13.51 7.62 10.15
C TYR B 68 -12.73 7.71 8.84
N ILE B 69 -11.45 7.38 8.89
CA ILE B 69 -10.58 7.48 7.74
C ILE B 69 -10.34 6.12 7.15
N LEU B 70 -10.67 5.93 5.87
CA LEU B 70 -10.45 4.67 5.20
C LEU B 70 -9.03 4.60 4.69
N LEU B 71 -8.28 3.58 5.11
CA LEU B 71 -6.93 3.36 4.64
C LEU B 71 -6.83 2.03 3.89
N PRO B 72 -7.28 1.97 2.62
CA PRO B 72 -7.08 0.74 1.85
C PRO B 72 -5.58 0.53 1.62
N LEU B 73 -5.02 -0.58 2.13
CA LEU B 73 -3.59 -0.83 1.96
C LEU B 73 -3.19 -1.05 0.48
N ASP B 74 -4.18 -1.29 -0.43
CA ASP B 74 -3.94 -1.39 -1.86
C ASP B 74 -3.78 0.00 -2.54
N CYS B 75 -4.07 1.10 -1.81
CA CYS B 75 -3.97 2.49 -2.23
C CYS B 75 -4.97 2.88 -3.33
N GLY B 76 -6.05 2.12 -3.46
CA GLY B 76 -7.10 2.39 -4.42
C GLY B 76 -8.15 3.30 -3.86
N VAL B 77 -8.19 4.56 -4.35
CA VAL B 77 -9.15 5.56 -3.91
C VAL B 77 -10.11 5.86 -5.05
N PRO B 78 -11.39 5.45 -4.94
CA PRO B 78 -12.34 5.73 -6.04
C PRO B 78 -12.78 7.20 -6.12
N ASP B 79 -13.43 7.58 -7.22
CA ASP B 79 -13.90 8.95 -7.44
C ASP B 79 -14.99 9.30 -6.41
N ASN B 80 -15.93 8.38 -6.19
CA ASN B 80 -16.98 8.53 -5.18
C ASN B 80 -16.88 7.36 -4.19
N LEU B 81 -16.97 7.67 -2.89
CA LEU B 81 -16.87 6.67 -1.83
C LEU B 81 -17.99 5.62 -1.92
N SER B 82 -19.19 6.03 -2.38
CA SER B 82 -20.38 5.18 -2.55
C SER B 82 -20.24 4.08 -3.63
N MET B 83 -19.26 4.22 -4.52
CA MET B 83 -19.00 3.24 -5.57
C MET B 83 -18.33 1.96 -5.03
N ALA B 84 -17.62 2.06 -3.89
CA ALA B 84 -16.95 0.91 -3.27
C ALA B 84 -17.93 -0.07 -2.56
N ASP B 85 -19.17 0.36 -2.23
CA ASP B 85 -20.18 -0.51 -1.58
C ASP B 85 -21.60 0.08 -1.70
N PRO B 86 -22.59 -0.70 -2.19
CA PRO B 86 -23.97 -0.19 -2.24
C PRO B 86 -24.59 0.05 -0.86
N ASN B 87 -24.04 -0.59 0.20
CA ASN B 87 -24.46 -0.43 1.59
C ASN B 87 -23.83 0.80 2.24
N ILE B 88 -23.28 1.75 1.47
CA ILE B 88 -22.69 2.98 1.99
C ILE B 88 -23.32 4.11 1.17
N ARG B 89 -24.44 4.65 1.66
CA ARG B 89 -25.20 5.67 0.94
C ARG B 89 -24.96 7.09 1.46
N PHE B 90 -24.72 8.04 0.54
CA PHE B 90 -24.48 9.44 0.89
C PHE B 90 -25.72 10.03 1.54
N LEU B 91 -25.53 10.65 2.68
CA LEU B 91 -26.62 11.24 3.44
C LEU B 91 -26.60 12.76 3.22
N ASP B 92 -25.50 13.41 3.59
CA ASP B 92 -25.40 14.86 3.53
C ASP B 92 -23.93 15.31 3.67
N LYS B 93 -23.66 16.59 3.48
CA LYS B 93 -22.34 17.14 3.73
C LYS B 93 -22.37 17.74 5.14
N LEU B 94 -21.27 17.61 5.88
CA LEU B 94 -21.18 18.19 7.22
C LEU B 94 -20.77 19.64 6.98
N PRO B 95 -21.61 20.60 7.39
CA PRO B 95 -21.29 22.02 7.12
C PRO B 95 -20.04 22.56 7.82
N SER B 110 -14.81 20.25 3.60
CA SER B 110 -15.89 19.46 3.03
C SER B 110 -15.84 17.98 3.45
N ASN B 111 -16.64 17.61 4.46
CA ASN B 111 -16.72 16.22 4.90
C ASN B 111 -18.11 15.64 4.61
N SER B 112 -18.17 14.34 4.31
CA SER B 112 -19.45 13.71 3.99
C SER B 112 -19.99 12.80 5.08
N ILE B 113 -21.31 12.75 5.23
CA ILE B 113 -21.98 11.88 6.18
C ILE B 113 -22.61 10.74 5.37
N TYR B 114 -22.46 9.49 5.85
CA TYR B 114 -22.99 8.33 5.13
C TYR B 114 -23.78 7.44 6.05
N GLU B 115 -24.80 6.79 5.50
CA GLU B 115 -25.55 5.81 6.23
C GLU B 115 -25.04 4.44 5.81
N LEU B 116 -24.64 3.64 6.78
N LEU B 116 -24.63 3.63 6.79
CA LEU B 116 -24.16 2.28 6.52
CA LEU B 116 -24.15 2.28 6.53
C LEU B 116 -25.35 1.34 6.63
C LEU B 116 -25.35 1.34 6.63
N LEU B 117 -25.50 0.41 5.67
CA LEU B 117 -26.62 -0.50 5.67
C LEU B 117 -26.18 -1.94 5.90
N GLU B 118 -27.02 -2.68 6.62
CA GLU B 118 -26.77 -4.09 6.88
C GLU B 118 -28.12 -4.74 6.72
N ASN B 119 -28.28 -5.55 5.66
CA ASN B 119 -29.53 -6.23 5.33
C ASN B 119 -30.68 -5.26 5.01
N GLY B 120 -30.36 -4.13 4.40
CA GLY B 120 -31.36 -3.12 4.03
C GLY B 120 -31.74 -2.15 5.13
N GLN B 121 -31.27 -2.37 6.36
CA GLN B 121 -31.58 -1.50 7.49
C GLN B 121 -30.42 -0.55 7.81
N ARG B 122 -30.71 0.67 8.29
CA ARG B 122 -29.67 1.65 8.65
C ARG B 122 -28.92 1.25 9.91
N ALA B 123 -27.73 0.67 9.73
CA ALA B 123 -26.88 0.19 10.81
C ALA B 123 -25.93 1.22 11.41
N GLY B 124 -25.80 2.38 10.79
CA GLY B 124 -24.92 3.42 11.30
C GLY B 124 -24.90 4.69 10.47
N THR B 125 -24.40 5.78 11.05
CA THR B 125 -24.32 7.08 10.38
C THR B 125 -23.03 7.74 10.86
N CYS B 126 -22.10 8.02 9.94
CA CYS B 126 -20.82 8.60 10.33
C CYS B 126 -20.22 9.48 9.25
N VAL B 127 -19.18 10.23 9.62
CA VAL B 127 -18.42 11.07 8.70
C VAL B 127 -17.29 10.17 8.24
N LEU B 128 -17.27 9.88 6.96
CA LEU B 128 -16.31 8.93 6.40
C LEU B 128 -15.60 9.51 5.19
N GLU B 129 -14.32 9.17 5.02
CA GLU B 129 -13.53 9.62 3.88
C GLU B 129 -12.24 8.83 3.78
N TYR B 130 -11.62 8.79 2.59
CA TYR B 130 -10.38 8.07 2.38
C TYR B 130 -9.17 8.89 2.80
N ALA B 131 -8.06 8.22 3.15
CA ALA B 131 -6.81 8.92 3.43
C ALA B 131 -6.27 9.24 2.02
N THR B 132 -6.59 10.45 1.48
CA THR B 132 -6.25 10.80 0.10
C THR B 132 -4.74 10.73 -0.23
N PRO B 133 -3.76 11.02 0.68
CA PRO B 133 -2.35 10.84 0.35
C PRO B 133 -1.96 9.45 -0.14
N LEU B 134 -2.81 8.42 0.07
CA LEU B 134 -2.54 7.08 -0.49
C LEU B 134 -2.51 7.10 -2.04
N GLN B 135 -3.17 8.09 -2.68
CA GLN B 135 -3.16 8.25 -4.13
C GLN B 135 -1.76 8.51 -4.68
N THR B 136 -0.84 9.09 -3.88
CA THR B 136 0.54 9.30 -4.32
C THR B 136 1.21 7.95 -4.48
N LEU B 137 1.02 7.04 -3.54
CA LEU B 137 1.60 5.72 -3.58
C LEU B 137 1.05 4.89 -4.76
N PHE B 138 -0.26 4.99 -5.03
CA PHE B 138 -0.85 4.27 -6.16
C PHE B 138 -0.32 4.81 -7.49
N ALA B 139 -0.27 6.15 -7.63
CA ALA B 139 0.24 6.79 -8.84
C ALA B 139 1.73 6.46 -9.02
N MET B 140 2.51 6.41 -7.94
CA MET B 140 3.94 6.06 -8.01
C MET B 140 4.13 4.65 -8.52
N SER B 141 3.23 3.73 -8.11
CA SER B 141 3.29 2.34 -8.51
C SER B 141 2.97 2.13 -10.00
N GLN B 142 2.32 3.13 -10.66
CA GLN B 142 1.99 3.11 -12.11
C GLN B 142 3.00 3.91 -12.97
N TYR B 143 3.85 4.75 -12.34
CA TYR B 143 4.86 5.55 -13.01
C TYR B 143 6.15 4.76 -13.10
N SER B 144 6.48 4.28 -14.32
CA SER B 144 7.64 3.44 -14.61
CA SER B 144 7.66 3.45 -14.61
C SER B 144 8.99 3.95 -14.03
N GLN B 145 9.34 5.21 -14.28
CA GLN B 145 10.61 5.80 -13.81
C GLN B 145 10.85 5.75 -12.31
N ALA B 146 9.78 5.71 -11.50
CA ALA B 146 9.94 5.68 -10.05
C ALA B 146 10.58 4.36 -9.56
N GLY B 147 10.43 3.26 -10.31
CA GLY B 147 10.94 1.94 -9.93
C GLY B 147 10.37 1.51 -8.59
N PHE B 148 9.04 1.75 -8.43
CA PHE B 148 8.27 1.55 -7.20
C PHE B 148 7.23 0.46 -7.49
N SER B 149 7.49 -0.76 -7.00
CA SER B 149 6.68 -1.94 -7.24
C SER B 149 5.40 -1.98 -6.39
N ARG B 150 4.48 -2.95 -6.63
CA ARG B 150 3.31 -3.09 -5.79
C ARG B 150 3.71 -3.61 -4.41
N GLU B 151 4.84 -4.35 -4.30
CA GLU B 151 5.37 -4.83 -3.02
C GLU B 151 5.87 -3.62 -2.23
N ASP B 152 6.60 -2.68 -2.89
CA ASP B 152 7.08 -1.43 -2.28
C ASP B 152 5.89 -0.57 -1.87
N ARG B 153 4.82 -0.54 -2.67
CA ARG B 153 3.60 0.23 -2.41
C ARG B 153 2.88 -0.25 -1.15
N LEU B 154 2.82 -1.57 -0.95
CA LEU B 154 2.18 -2.13 0.24
C LEU B 154 3.00 -1.79 1.51
N GLU B 155 4.33 -1.81 1.39
CA GLU B 155 5.27 -1.50 2.48
C GLU B 155 5.14 -0.04 2.91
N GLN B 156 4.91 0.87 1.94
CA GLN B 156 4.74 2.28 2.23
C GLN B 156 3.33 2.57 2.73
N ALA B 157 2.31 1.84 2.25
CA ALA B 157 0.94 2.05 2.74
C ALA B 157 0.83 1.69 4.23
N LYS B 158 1.56 0.62 4.64
CA LYS B 158 1.62 0.15 6.01
C LYS B 158 2.38 1.17 6.85
N LEU B 159 3.52 1.65 6.35
CA LEU B 159 4.35 2.65 7.02
C LEU B 159 3.58 3.97 7.22
N PHE B 160 2.76 4.36 6.26
CA PHE B 160 1.93 5.56 6.33
C PHE B 160 0.92 5.44 7.49
N CYS B 161 0.30 4.26 7.67
CA CYS B 161 -0.69 4.03 8.76
C CYS B 161 0.01 4.03 10.11
N GLN B 162 1.18 3.38 10.19
CA GLN B 162 1.97 3.28 11.41
C GLN B 162 2.47 4.68 11.85
N THR B 163 3.05 5.44 10.89
CA THR B 163 3.56 6.79 11.15
C THR B 163 2.41 7.71 11.54
N LEU B 164 1.25 7.60 10.89
CA LEU B 164 0.11 8.45 11.20
C LEU B 164 -0.47 8.13 12.56
N GLU B 165 -0.43 6.85 12.98
CA GLU B 165 -0.90 6.46 14.32
C GLU B 165 0.05 7.05 15.36
N ASP B 166 1.39 7.01 15.10
CA ASP B 166 2.43 7.56 15.96
C ASP B 166 2.24 9.09 16.13
N ILE B 167 1.85 9.77 15.05
CA ILE B 167 1.61 11.20 15.07
C ILE B 167 0.36 11.49 15.91
N LEU B 168 -0.72 10.75 15.65
CA LEU B 168 -2.00 10.90 16.37
C LEU B 168 -1.91 10.56 17.85
N ALA B 169 -0.94 9.72 18.24
CA ALA B 169 -0.71 9.36 19.64
C ALA B 169 -0.31 10.60 20.46
N ASP B 170 0.50 11.49 19.86
CA ASP B 170 0.97 12.73 20.49
C ASP B 170 0.01 13.92 20.34
N ALA B 171 -1.06 13.79 19.57
CA ALA B 171 -2.04 14.87 19.40
C ALA B 171 -3.34 14.41 20.09
N PRO B 172 -3.59 14.88 21.34
CA PRO B 172 -4.76 14.39 22.11
C PRO B 172 -6.14 14.70 21.51
N GLU B 173 -6.42 15.98 21.19
CA GLU B 173 -7.68 16.41 20.58
C GLU B 173 -7.87 15.79 19.18
N SER B 174 -6.77 15.40 18.50
CA SER B 174 -6.87 14.79 17.18
C SER B 174 -7.18 13.28 17.27
N GLN B 175 -6.47 12.52 18.14
CA GLN B 175 -6.70 11.08 18.27
C GLN B 175 -8.09 10.73 18.82
N ASN B 176 -8.62 11.55 19.71
CA ASN B 176 -9.95 11.33 20.25
C ASN B 176 -11.05 11.62 19.22
N ASN B 177 -10.77 12.40 18.18
CA ASN B 177 -11.78 12.78 17.18
C ASN B 177 -11.57 12.10 15.82
N CYS B 178 -10.75 11.03 15.74
CA CYS B 178 -10.54 10.33 14.48
CA CYS B 178 -10.45 10.37 14.49
C CYS B 178 -10.24 8.85 14.71
N ARG B 179 -10.65 8.01 13.72
CA ARG B 179 -10.45 6.55 13.76
C ARG B 179 -9.95 6.07 12.40
N LEU B 180 -8.84 5.37 12.41
CA LEU B 180 -8.23 4.86 11.19
C LEU B 180 -8.66 3.45 10.93
N ILE B 181 -9.19 3.20 9.73
CA ILE B 181 -9.66 1.89 9.33
C ILE B 181 -8.73 1.36 8.24
N ALA B 182 -7.70 0.61 8.62
CA ALA B 182 -6.77 0.04 7.66
C ALA B 182 -7.24 -1.35 7.25
N TYR B 183 -7.22 -1.65 5.95
CA TYR B 183 -7.69 -2.93 5.46
C TYR B 183 -7.03 -3.40 4.18
N GLN B 184 -6.93 -4.71 4.03
CA GLN B 184 -6.44 -5.36 2.83
C GLN B 184 -7.63 -6.13 2.25
N GLU B 185 -7.90 -6.00 0.94
CA GLU B 185 -9.01 -6.74 0.33
C GLU B 185 -8.50 -8.16 0.00
N PRO B 186 -9.30 -9.20 0.26
CA PRO B 186 -8.83 -10.58 -0.02
C PRO B 186 -8.63 -10.87 -1.50
N PHE B 192 -15.61 -9.17 -0.20
CA PHE B 192 -15.22 -8.19 0.82
C PHE B 192 -16.32 -7.18 1.04
N SER B 193 -16.57 -6.82 2.28
CA SER B 193 -17.60 -5.87 2.61
C SER B 193 -16.99 -4.66 3.29
N LEU B 194 -16.96 -3.51 2.61
CA LEU B 194 -16.38 -2.30 3.21
C LEU B 194 -17.29 -1.76 4.30
N SER B 195 -18.61 -1.82 4.10
CA SER B 195 -19.58 -1.37 5.08
C SER B 195 -19.45 -2.18 6.37
N GLN B 196 -19.18 -3.51 6.28
CA GLN B 196 -18.99 -4.38 7.44
C GLN B 196 -17.72 -4.07 8.20
N GLU B 197 -16.67 -3.72 7.47
CA GLU B 197 -15.39 -3.32 8.04
C GLU B 197 -15.58 -2.02 8.84
N VAL B 198 -16.32 -1.05 8.29
CA VAL B 198 -16.58 0.21 8.98
C VAL B 198 -17.47 -0.01 10.20
N LEU B 199 -18.55 -0.79 10.02
CA LEU B 199 -19.50 -1.10 11.09
C LEU B 199 -18.83 -1.74 12.30
N ARG B 200 -17.83 -2.60 12.09
CA ARG B 200 -17.11 -3.24 13.17
C ARG B 200 -16.37 -2.21 14.03
N HIS B 201 -15.77 -1.20 13.39
CA HIS B 201 -15.06 -0.14 14.10
C HIS B 201 -16.03 0.76 14.87
N LEU B 202 -17.20 1.07 14.28
CA LEU B 202 -18.23 1.89 14.91
C LEU B 202 -18.66 1.31 16.25
N ARG B 203 -18.80 -0.01 16.32
CA ARG B 203 -19.21 -0.71 17.54
C ARG B 203 -18.04 -0.97 18.51
N SER C 23 12.83 -10.69 -26.49
CA SER C 23 12.79 -9.45 -27.26
C SER C 23 11.51 -9.31 -28.09
N VAL C 24 10.68 -8.32 -27.76
CA VAL C 24 9.39 -8.05 -28.40
C VAL C 24 9.50 -7.56 -29.86
N ALA C 25 10.64 -7.04 -30.26
CA ALA C 25 10.82 -6.47 -31.59
C ALA C 25 10.70 -7.46 -32.72
N HIS C 26 11.08 -8.72 -32.50
N HIS C 26 11.08 -8.72 -32.50
CA HIS C 26 10.99 -9.75 -33.54
CA HIS C 26 10.98 -9.75 -33.54
C HIS C 26 9.54 -10.04 -33.94
C HIS C 26 9.54 -10.02 -33.94
N GLY C 27 8.65 -10.06 -32.96
CA GLY C 27 7.22 -10.29 -33.19
C GLY C 27 6.54 -9.08 -33.79
N LEU C 28 6.94 -7.87 -33.35
CA LEU C 28 6.40 -6.61 -33.87
C LEU C 28 6.78 -6.37 -35.36
N ALA C 29 8.02 -6.70 -35.74
CA ALA C 29 8.48 -6.54 -37.12
C ALA C 29 7.87 -7.57 -38.06
N TRP C 30 7.69 -8.83 -37.59
CA TRP C 30 7.08 -9.85 -38.43
C TRP C 30 5.61 -9.61 -38.65
N SER C 31 4.89 -9.09 -37.62
CA SER C 31 3.46 -8.78 -37.76
C SER C 31 3.25 -7.58 -38.69
N TYR C 32 4.10 -6.54 -38.55
CA TYR C 32 4.04 -5.34 -39.38
C TYR C 32 4.18 -5.71 -40.86
N TYR C 33 5.16 -6.56 -41.18
CA TYR C 33 5.33 -6.99 -42.56
C TYR C 33 4.22 -7.94 -43.03
N ILE C 34 4.03 -9.11 -42.37
CA ILE C 34 3.14 -10.15 -42.84
C ILE C 34 1.65 -9.75 -42.80
N GLY C 35 1.27 -8.86 -41.91
CA GLY C 35 -0.11 -8.45 -41.80
C GLY C 35 -0.47 -7.14 -42.46
N TYR C 36 0.52 -6.43 -43.04
CA TYR C 36 0.25 -5.12 -43.61
C TYR C 36 1.13 -4.76 -44.83
N LEU C 37 2.46 -4.63 -44.68
CA LEU C 37 3.34 -4.24 -45.79
C LEU C 37 3.32 -5.23 -46.96
N ARG C 38 3.33 -6.52 -46.65
CA ARG C 38 3.29 -7.59 -47.65
C ARG C 38 2.03 -7.46 -48.53
N LEU C 39 0.92 -6.98 -47.94
CA LEU C 39 -0.35 -6.81 -48.65
C LEU C 39 -0.49 -5.48 -49.44
N ILE C 40 0.01 -4.33 -48.89
CA ILE C 40 -0.15 -3.04 -49.59
C ILE C 40 0.98 -2.68 -50.59
N LEU C 41 2.24 -3.09 -50.32
CA LEU C 41 3.37 -2.74 -51.17
C LEU C 41 3.32 -3.29 -52.62
N PRO C 42 2.82 -4.53 -52.89
CA PRO C 42 2.77 -4.98 -54.31
C PRO C 42 1.77 -4.22 -55.19
N GLU C 43 0.80 -3.51 -54.57
CA GLU C 43 -0.21 -2.75 -55.30
C GLU C 43 -0.03 -1.22 -55.24
N LEU C 44 0.96 -0.74 -54.48
CA LEU C 44 1.24 0.69 -54.26
C LEU C 44 1.68 1.44 -55.54
N GLN C 45 2.51 0.80 -56.36
CA GLN C 45 3.00 1.43 -57.60
C GLN C 45 1.86 1.77 -58.56
N ALA C 46 0.87 0.89 -58.68
CA ALA C 46 -0.28 1.11 -59.55
C ALA C 46 -1.18 2.23 -58.99
N ARG C 47 -1.30 2.30 -57.66
CA ARG C 47 -2.12 3.31 -56.99
C ARG C 47 -1.52 4.72 -57.15
N ILE C 48 -0.19 4.83 -57.06
CA ILE C 48 0.47 6.11 -57.21
C ILE C 48 0.43 6.56 -58.68
N ARG C 49 0.61 5.61 -59.62
CA ARG C 49 0.55 5.90 -61.05
C ARG C 49 -0.85 6.36 -61.44
N THR C 50 -1.90 5.77 -60.84
CA THR C 50 -3.28 6.16 -61.11
C THR C 50 -3.53 7.60 -60.66
N TYR C 51 -3.10 7.92 -59.43
CA TYR C 51 -3.22 9.26 -58.83
C TYR C 51 -2.45 10.31 -59.65
N ASN C 52 -1.27 9.94 -60.16
CA ASN C 52 -0.47 10.84 -60.99
C ASN C 52 -1.12 11.10 -62.36
N GLN C 53 -1.77 10.07 -62.92
CA GLN C 53 -2.49 10.18 -64.18
C GLN C 53 -3.72 11.09 -64.01
N HIS C 54 -4.39 10.99 -62.87
CA HIS C 54 -5.57 11.74 -62.49
C HIS C 54 -5.27 13.23 -62.42
N TYR C 55 -4.14 13.59 -61.80
CA TYR C 55 -3.74 14.98 -61.57
C TYR C 55 -2.49 15.38 -62.37
N GLY C 61 3.35 18.50 -59.97
CA GLY C 61 3.22 18.02 -58.60
C GLY C 61 2.95 16.52 -58.52
N ALA C 62 3.95 15.71 -58.90
CA ALA C 62 3.81 14.26 -58.92
C ALA C 62 4.29 13.57 -57.65
N VAL C 63 3.53 12.57 -57.18
CA VAL C 63 3.81 11.77 -56.00
C VAL C 63 4.91 10.75 -56.29
N SER C 64 5.93 10.67 -55.42
CA SER C 64 7.03 9.69 -55.54
C SER C 64 6.51 8.27 -55.34
N GLN C 65 7.07 7.30 -56.09
CA GLN C 65 6.61 5.92 -56.20
C GLN C 65 6.84 4.94 -55.02
N ARG C 66 7.29 5.42 -53.86
CA ARG C 66 7.51 4.55 -52.72
C ARG C 66 6.71 5.01 -51.51
N LEU C 67 6.63 4.14 -50.47
CA LEU C 67 5.99 4.42 -49.18
C LEU C 67 7.10 4.70 -48.21
N TYR C 68 7.15 5.91 -47.68
CA TYR C 68 8.17 6.30 -46.71
C TYR C 68 7.63 6.05 -45.31
N ILE C 69 8.32 5.20 -44.57
CA ILE C 69 7.90 4.82 -43.23
C ILE C 69 8.74 5.54 -42.20
N LEU C 70 8.11 6.30 -41.31
CA LEU C 70 8.83 7.01 -40.26
C LEU C 70 9.07 6.09 -39.08
N LEU C 71 10.31 5.91 -38.70
CA LEU C 71 10.66 5.10 -37.55
C LEU C 71 11.36 5.95 -36.49
N PRO C 72 10.62 6.75 -35.70
CA PRO C 72 11.26 7.48 -34.60
C PRO C 72 11.78 6.48 -33.57
N LEU C 73 13.09 6.45 -33.33
CA LEU C 73 13.67 5.51 -32.36
C LEU C 73 13.21 5.79 -30.91
N ASP C 74 12.60 6.97 -30.65
CA ASP C 74 12.00 7.30 -29.34
C ASP C 74 10.60 6.67 -29.16
N CYS C 75 10.03 6.08 -30.24
CA CYS C 75 8.73 5.41 -30.28
C CYS C 75 7.53 6.34 -30.06
N GLY C 76 7.73 7.65 -30.25
CA GLY C 76 6.67 8.65 -30.14
C GLY C 76 5.92 8.81 -31.44
N VAL C 77 4.66 8.37 -31.46
CA VAL C 77 3.81 8.45 -32.65
C VAL C 77 2.67 9.43 -32.37
N PRO C 78 2.67 10.62 -32.99
CA PRO C 78 1.61 11.59 -32.71
C PRO C 78 0.25 11.24 -33.32
N ASP C 79 -0.81 11.95 -32.89
CA ASP C 79 -2.19 11.74 -33.38
C ASP C 79 -2.28 12.03 -34.87
N ASN C 80 -1.69 13.15 -35.31
CA ASN C 80 -1.62 13.55 -36.72
C ASN C 80 -0.15 13.75 -37.09
N LEU C 81 0.26 13.29 -38.28
CA LEU C 81 1.64 13.43 -38.75
C LEU C 81 1.96 14.89 -39.06
N SER C 82 0.98 15.64 -39.61
CA SER C 82 1.15 17.05 -39.92
C SER C 82 1.33 17.97 -38.67
N MET C 83 1.44 17.37 -37.47
CA MET C 83 1.63 18.05 -36.19
C MET C 83 3.09 17.96 -35.67
N ALA C 84 3.88 16.99 -36.19
CA ALA C 84 5.30 16.83 -35.82
C ALA C 84 6.21 17.88 -36.46
N ASP C 85 5.76 18.52 -37.57
CA ASP C 85 6.50 19.54 -38.29
C ASP C 85 5.52 20.38 -39.11
N PRO C 86 5.58 21.73 -39.02
CA PRO C 86 4.66 22.55 -39.83
C PRO C 86 4.91 22.44 -41.33
N ASN C 87 6.16 22.09 -41.74
CA ASN C 87 6.52 21.91 -43.15
C ASN C 87 5.98 20.61 -43.78
N ILE C 88 5.38 19.72 -42.98
CA ILE C 88 4.78 18.50 -43.49
C ILE C 88 3.26 18.73 -43.54
N ARG C 89 2.72 19.02 -44.74
CA ARG C 89 1.30 19.31 -44.89
C ARG C 89 0.54 18.22 -45.63
N PHE C 90 -0.59 17.76 -45.03
CA PHE C 90 -1.44 16.73 -45.64
C PHE C 90 -2.00 17.23 -46.96
N LEU C 91 -1.82 16.43 -47.99
CA LEU C 91 -2.25 16.78 -49.34
C LEU C 91 -3.56 16.06 -49.67
N ASP C 92 -3.53 14.72 -49.64
CA ASP C 92 -4.68 13.93 -50.03
C ASP C 92 -4.49 12.47 -49.57
N LYS C 93 -5.57 11.68 -49.67
CA LYS C 93 -5.49 10.25 -49.38
C LYS C 93 -5.21 9.55 -50.70
N LEU C 94 -4.38 8.50 -50.66
CA LEU C 94 -4.10 7.72 -51.85
C LEU C 94 -5.25 6.72 -51.94
N PRO C 95 -6.04 6.78 -53.02
CA PRO C 95 -7.22 5.89 -53.13
C PRO C 95 -6.93 4.40 -53.16
N GLN C 96 -7.98 3.59 -52.83
CA GLN C 96 -8.04 2.12 -52.74
C GLN C 96 -7.37 1.61 -51.47
N SER C 110 -5.75 2.69 -46.27
CA SER C 110 -5.76 4.16 -46.14
C SER C 110 -4.35 4.74 -45.98
N ASN C 111 -3.78 5.26 -47.07
CA ASN C 111 -2.46 5.89 -47.02
C ASN C 111 -2.58 7.38 -47.36
N SER C 112 -1.60 8.20 -46.94
CA SER C 112 -1.67 9.63 -47.19
C SER C 112 -0.48 10.20 -47.96
N ILE C 113 -0.73 11.24 -48.77
CA ILE C 113 0.28 11.96 -49.52
C ILE C 113 0.54 13.28 -48.79
N TYR C 114 1.81 13.66 -48.63
CA TYR C 114 2.17 14.89 -47.93
C TYR C 114 3.10 15.74 -48.76
N GLU C 115 2.96 17.06 -48.67
CA GLU C 115 3.88 17.96 -49.36
C GLU C 115 4.88 18.41 -48.32
N LEU C 116 6.17 18.25 -48.63
CA LEU C 116 7.26 18.63 -47.74
C LEU C 116 7.70 20.02 -48.14
N LEU C 117 7.89 20.90 -47.15
CA LEU C 117 8.26 22.28 -47.43
C LEU C 117 9.66 22.63 -46.94
N GLU C 118 10.33 23.47 -47.69
CA GLU C 118 11.66 23.95 -47.34
C GLU C 118 11.65 25.42 -47.69
N ASN C 119 11.68 26.29 -46.68
CA ASN C 119 11.63 27.75 -46.83
C ASN C 119 10.33 28.24 -47.47
N GLY C 120 9.22 27.57 -47.17
CA GLY C 120 7.90 27.93 -47.69
C GLY C 120 7.55 27.37 -49.05
N GLN C 121 8.52 26.76 -49.74
CA GLN C 121 8.32 26.20 -51.07
C GLN C 121 8.14 24.68 -51.05
N ARG C 122 7.34 24.12 -51.97
CA ARG C 122 7.10 22.68 -52.04
C ARG C 122 8.34 21.92 -52.54
N ALA C 123 9.10 21.34 -51.61
CA ALA C 123 10.32 20.60 -51.89
C ALA C 123 10.12 19.10 -52.20
N GLY C 124 8.91 18.58 -52.01
CA GLY C 124 8.64 17.17 -52.28
C GLY C 124 7.20 16.75 -52.01
N THR C 125 6.80 15.59 -52.55
CA THR C 125 5.46 15.04 -52.38
C THR C 125 5.60 13.53 -52.29
N CYS C 126 5.20 12.91 -51.17
CA CYS C 126 5.37 11.48 -50.98
C CYS C 126 4.29 10.83 -50.11
N VAL C 127 4.18 9.50 -50.19
CA VAL C 127 3.26 8.76 -49.35
C VAL C 127 4.03 8.53 -48.06
N LEU C 128 3.53 9.07 -46.93
CA LEU C 128 4.26 8.99 -45.67
C LEU C 128 3.39 8.52 -44.51
N GLU C 129 3.97 7.74 -43.61
CA GLU C 129 3.26 7.26 -42.42
C GLU C 129 4.24 6.69 -41.39
N TYR C 130 3.83 6.61 -40.12
CA TYR C 130 4.68 6.06 -39.07
C TYR C 130 4.64 4.52 -39.03
N ALA C 131 5.70 3.90 -38.49
CA ALA C 131 5.69 2.45 -38.28
C ALA C 131 4.88 2.32 -36.98
N THR C 132 3.55 2.11 -37.08
CA THR C 132 2.66 2.10 -35.93
C THR C 132 3.02 1.04 -34.84
N PRO C 133 3.57 -0.17 -35.15
CA PRO C 133 3.97 -1.09 -34.07
C PRO C 133 4.93 -0.52 -33.03
N LEU C 134 5.61 0.62 -33.32
CA LEU C 134 6.48 1.28 -32.34
C LEU C 134 5.66 1.76 -31.11
N GLN C 135 4.33 1.95 -31.26
CA GLN C 135 3.46 2.35 -30.16
C GLN C 135 3.41 1.30 -29.06
N THR C 136 3.63 0.00 -29.39
CA THR C 136 3.68 -1.04 -28.37
C THR C 136 4.88 -0.81 -27.45
N LEU C 137 6.04 -0.50 -28.03
CA LEU C 137 7.26 -0.24 -27.28
C LEU C 137 7.13 0.98 -26.37
N PHE C 138 6.51 2.07 -26.88
CA PHE C 138 6.31 3.27 -26.07
C PHE C 138 5.35 2.98 -24.91
N ALA C 139 4.22 2.29 -25.19
CA ALA C 139 3.25 1.94 -24.16
C ALA C 139 3.89 1.03 -23.13
N MET C 140 4.74 0.07 -23.55
CA MET C 140 5.44 -0.84 -22.64
C MET C 140 6.36 -0.10 -21.70
N SER C 141 7.02 0.95 -22.22
CA SER C 141 7.93 1.77 -21.44
C SER C 141 7.21 2.60 -20.38
N GLN C 142 5.89 2.82 -20.50
CA GLN C 142 5.07 3.57 -19.53
C GLN C 142 4.29 2.65 -18.56
N TYR C 143 4.18 1.34 -18.87
CA TYR C 143 3.50 0.34 -18.03
C TYR C 143 4.51 -0.23 -17.05
N SER C 144 4.42 0.19 -15.78
CA SER C 144 5.37 -0.18 -14.75
C SER C 144 5.63 -1.72 -14.59
N GLN C 145 4.59 -2.55 -14.56
CA GLN C 145 4.73 -4.01 -14.41
C GLN C 145 5.58 -4.70 -15.50
N ALA C 146 5.72 -4.10 -16.69
CA ALA C 146 6.52 -4.70 -17.75
C ALA C 146 8.02 -4.73 -17.42
N GLY C 147 8.48 -3.81 -16.56
CA GLY C 147 9.90 -3.70 -16.21
C GLY C 147 10.75 -3.43 -17.44
N PHE C 148 10.24 -2.54 -18.31
CA PHE C 148 10.79 -2.21 -19.62
C PHE C 148 11.18 -0.73 -19.59
N SER C 149 12.49 -0.45 -19.46
CA SER C 149 13.05 0.90 -19.33
C SER C 149 13.12 1.66 -20.67
N ARG C 150 13.47 2.96 -20.65
CA ARG C 150 13.65 3.71 -21.90
C ARG C 150 14.91 3.22 -22.64
N GLU C 151 15.91 2.67 -21.90
CA GLU C 151 17.12 2.11 -22.47
C GLU C 151 16.75 0.81 -23.21
N ASP C 152 15.89 -0.04 -22.61
CA ASP C 152 15.36 -1.27 -23.20
C ASP C 152 14.51 -0.92 -24.42
N ARG C 153 13.73 0.18 -24.36
CA ARG C 153 12.87 0.65 -25.45
C ARG C 153 13.68 1.07 -26.68
N LEU C 154 14.81 1.74 -26.46
CA LEU C 154 15.67 2.16 -27.56
C LEU C 154 16.32 0.94 -28.24
N GLU C 155 16.71 -0.08 -27.44
CA GLU C 155 17.32 -1.32 -27.92
C GLU C 155 16.35 -2.12 -28.78
N GLN C 156 15.05 -2.10 -28.41
CA GLN C 156 14.01 -2.80 -29.16
C GLN C 156 13.61 -2.00 -30.39
N ALA C 157 13.60 -0.65 -30.32
CA ALA C 157 13.26 0.17 -31.50
C ALA C 157 14.28 -0.03 -32.60
N LYS C 158 15.56 -0.18 -32.23
CA LYS C 158 16.66 -0.42 -33.15
C LYS C 158 16.55 -1.84 -33.74
N LEU C 159 16.28 -2.84 -32.88
CA LEU C 159 16.10 -4.22 -33.28
C LEU C 159 14.90 -4.36 -34.24
N PHE C 160 13.82 -3.60 -34.02
CA PHE C 160 12.64 -3.62 -34.88
C PHE C 160 13.00 -3.14 -36.28
N CYS C 161 13.83 -2.07 -36.37
N CYS C 161 13.83 -2.08 -36.37
CA CYS C 161 14.25 -1.52 -37.66
CA CYS C 161 14.30 -1.50 -37.63
C CYS C 161 15.19 -2.49 -38.39
C CYS C 161 15.19 -2.50 -38.37
N GLN C 162 16.13 -3.12 -37.64
CA GLN C 162 17.07 -4.10 -38.19
C GLN C 162 16.37 -5.37 -38.68
N THR C 163 15.44 -5.90 -37.86
CA THR C 163 14.66 -7.10 -38.20
C THR C 163 13.76 -6.79 -39.40
N LEU C 164 13.15 -5.60 -39.44
CA LEU C 164 12.29 -5.24 -40.55
C LEU C 164 13.07 -5.13 -41.84
N GLU C 165 14.31 -4.59 -41.79
CA GLU C 165 15.11 -4.46 -43.00
C GLU C 165 15.65 -5.85 -43.45
N ASP C 166 15.89 -6.79 -42.50
CA ASP C 166 16.26 -8.19 -42.79
C ASP C 166 15.09 -8.89 -43.51
N ILE C 167 13.87 -8.58 -43.11
CA ILE C 167 12.66 -9.11 -43.71
C ILE C 167 12.52 -8.55 -45.11
N LEU C 168 12.69 -7.23 -45.27
CA LEU C 168 12.54 -6.60 -46.58
C LEU C 168 13.68 -6.98 -47.58
N ALA C 169 14.84 -7.42 -47.07
CA ALA C 169 15.92 -7.89 -47.91
C ALA C 169 15.48 -9.13 -48.72
N ASP C 170 14.67 -10.00 -48.11
CA ASP C 170 14.12 -11.21 -48.71
C ASP C 170 12.84 -10.99 -49.50
N ALA C 171 12.20 -9.83 -49.40
CA ALA C 171 10.98 -9.54 -50.13
C ALA C 171 11.31 -8.46 -51.19
N PRO C 172 11.55 -8.88 -52.47
CA PRO C 172 11.95 -7.92 -53.51
C PRO C 172 10.91 -6.85 -53.88
N GLU C 173 9.65 -7.25 -54.15
CA GLU C 173 8.57 -6.32 -54.49
C GLU C 173 8.23 -5.36 -53.32
N SER C 174 8.56 -5.74 -52.07
CA SER C 174 8.33 -4.91 -50.89
C SER C 174 9.46 -3.92 -50.62
N GLN C 175 10.74 -4.31 -50.84
CA GLN C 175 11.85 -3.39 -50.56
C GLN C 175 11.96 -2.30 -51.63
N ASN C 176 11.60 -2.63 -52.88
CA ASN C 176 11.60 -1.67 -53.97
C ASN C 176 10.45 -0.65 -53.85
N ASN C 177 9.42 -0.95 -53.04
CA ASN C 177 8.29 -0.03 -52.88
C ASN C 177 8.20 0.60 -51.50
N CYS C 178 9.29 0.58 -50.72
CA CYS C 178 9.27 1.22 -49.39
CA CYS C 178 9.29 1.10 -49.35
C CYS C 178 10.65 1.67 -48.92
N ARG C 179 10.65 2.73 -48.11
CA ARG C 179 11.88 3.31 -47.60
C ARG C 179 11.70 3.60 -46.11
N LEU C 180 12.60 3.07 -45.31
CA LEU C 180 12.53 3.24 -43.86
C LEU C 180 13.39 4.40 -43.42
N ILE C 181 12.77 5.34 -42.71
CA ILE C 181 13.46 6.52 -42.22
C ILE C 181 13.58 6.42 -40.70
N ALA C 182 14.69 5.87 -40.22
CA ALA C 182 14.92 5.73 -38.79
C ALA C 182 15.67 6.95 -38.29
N TYR C 183 15.23 7.52 -37.18
CA TYR C 183 15.85 8.72 -36.63
C TYR C 183 15.77 8.84 -35.13
N GLN C 184 16.78 9.48 -34.56
CA GLN C 184 16.87 9.83 -33.16
C GLN C 184 16.86 11.36 -33.11
N GLU C 185 16.05 11.96 -32.23
CA GLU C 185 16.05 13.40 -32.08
C GLU C 185 17.25 13.82 -31.22
N PRO C 186 17.96 14.90 -31.58
CA PRO C 186 19.15 15.29 -30.79
C PRO C 186 18.85 15.69 -29.36
N SER C 191 15.91 22.79 -33.47
CA SER C 191 16.92 21.76 -33.21
C SER C 191 16.71 20.52 -34.10
N PHE C 192 15.46 20.04 -34.29
CA PHE C 192 15.23 18.90 -35.18
C PHE C 192 14.14 19.17 -36.21
N SER C 193 14.45 18.87 -37.46
CA SER C 193 13.51 19.05 -38.55
C SER C 193 13.14 17.68 -39.12
N LEU C 194 11.87 17.28 -38.98
CA LEU C 194 11.43 16.01 -39.53
C LEU C 194 11.30 16.12 -41.06
N SER C 195 10.83 17.29 -41.56
CA SER C 195 10.70 17.50 -43.00
C SER C 195 12.05 17.43 -43.68
N GLN C 196 13.13 17.91 -43.02
CA GLN C 196 14.48 17.83 -43.59
C GLN C 196 15.04 16.42 -43.61
N GLU C 197 14.69 15.63 -42.60
CA GLU C 197 15.07 14.23 -42.50
C GLU C 197 14.42 13.43 -43.64
N VAL C 198 13.13 13.68 -43.91
CA VAL C 198 12.43 12.98 -44.99
C VAL C 198 12.98 13.40 -46.35
N LEU C 199 13.17 14.71 -46.56
CA LEU C 199 13.70 15.26 -47.81
C LEU C 199 15.05 14.67 -48.18
N ARG C 200 15.93 14.45 -47.19
CA ARG C 200 17.25 13.87 -47.43
C ARG C 200 17.13 12.48 -48.06
N HIS C 201 16.17 11.67 -47.58
CA HIS C 201 15.94 10.33 -48.09
C HIS C 201 15.35 10.37 -49.50
N LEU C 202 14.44 11.32 -49.77
CA LEU C 202 13.81 11.50 -51.07
C LEU C 202 14.85 11.71 -52.16
N ARG C 203 15.90 12.50 -51.85
CA ARG C 203 16.97 12.81 -52.78
C ARG C 203 18.05 11.72 -52.84
N MET D 22 15.13 -15.94 -31.25
CA MET D 22 14.24 -15.29 -32.21
C MET D 22 12.79 -15.73 -32.07
N SER D 23 12.15 -15.36 -30.95
CA SER D 23 10.77 -15.72 -30.69
C SER D 23 9.84 -14.58 -31.07
N VAL D 24 8.80 -14.87 -31.85
CA VAL D 24 7.82 -13.85 -32.22
C VAL D 24 6.64 -13.73 -31.23
N ALA D 25 6.36 -14.79 -30.48
CA ALA D 25 5.24 -14.80 -29.56
C ALA D 25 5.30 -13.74 -28.47
N HIS D 26 6.50 -13.44 -27.94
N HIS D 26 6.49 -13.43 -27.94
CA HIS D 26 6.64 -12.43 -26.88
CA HIS D 26 6.65 -12.43 -26.88
C HIS D 26 6.18 -11.04 -27.33
C HIS D 26 6.17 -11.05 -27.33
N GLY D 27 6.47 -10.69 -28.57
CA GLY D 27 6.08 -9.41 -29.16
C GLY D 27 4.59 -9.36 -29.48
N LEU D 28 4.05 -10.48 -29.97
CA LEU D 28 2.64 -10.63 -30.32
C LEU D 28 1.74 -10.56 -29.06
N ALA D 29 2.15 -11.20 -27.96
CA ALA D 29 1.39 -11.19 -26.69
C ALA D 29 1.44 -9.83 -26.01
N TRP D 30 2.59 -9.15 -26.05
CA TRP D 30 2.70 -7.83 -25.44
C TRP D 30 1.91 -6.78 -26.19
N SER D 31 1.89 -6.86 -27.53
CA SER D 31 1.14 -5.91 -28.35
CA SER D 31 1.15 -5.92 -28.36
C SER D 31 -0.37 -6.14 -28.19
N TYR D 32 -0.80 -7.41 -28.14
CA TYR D 32 -2.22 -7.77 -27.99
C TYR D 32 -2.75 -7.19 -26.66
N TYR D 33 -1.98 -7.33 -25.58
CA TYR D 33 -2.38 -6.76 -24.31
C TYR D 33 -2.28 -5.22 -24.29
N ILE D 34 -1.08 -4.65 -24.50
CA ILE D 34 -0.86 -3.22 -24.33
C ILE D 34 -1.60 -2.35 -25.35
N GLY D 35 -1.89 -2.88 -26.52
CA GLY D 35 -2.56 -2.10 -27.56
C GLY D 35 -4.05 -2.35 -27.69
N TYR D 36 -4.59 -3.30 -26.94
CA TYR D 36 -6.00 -3.66 -27.09
C TYR D 36 -6.70 -4.12 -25.79
N LEU D 37 -6.29 -5.26 -25.18
CA LEU D 37 -6.92 -5.76 -23.96
C LEU D 37 -6.84 -4.79 -22.77
N ARG D 38 -5.69 -4.16 -22.58
CA ARG D 38 -5.48 -3.18 -21.51
C ARG D 38 -6.47 -2.01 -21.64
N LEU D 39 -6.87 -1.66 -22.87
CA LEU D 39 -7.79 -0.57 -23.13
C LEU D 39 -9.30 -0.96 -23.05
N ILE D 40 -9.69 -2.16 -23.53
CA ILE D 40 -11.10 -2.55 -23.51
C ILE D 40 -11.57 -3.28 -22.24
N LEU D 41 -10.71 -4.07 -21.57
CA LEU D 41 -11.10 -4.84 -20.39
C LEU D 41 -11.52 -4.00 -19.16
N PRO D 42 -10.88 -2.84 -18.84
CA PRO D 42 -11.33 -2.06 -17.66
C PRO D 42 -12.71 -1.41 -17.83
N GLU D 43 -13.19 -1.26 -19.08
CA GLU D 43 -14.50 -0.65 -19.36
C GLU D 43 -15.56 -1.66 -19.82
N LEU D 44 -15.20 -2.97 -19.91
CA LEU D 44 -16.09 -4.04 -20.37
C LEU D 44 -17.24 -4.35 -19.39
N GLN D 45 -16.96 -4.43 -18.08
CA GLN D 45 -17.98 -4.71 -17.06
C GLN D 45 -19.11 -3.68 -17.04
N ALA D 46 -18.78 -2.41 -17.34
CA ALA D 46 -19.78 -1.34 -17.39
C ALA D 46 -20.59 -1.42 -18.69
N ARG D 47 -19.93 -1.78 -19.81
CA ARG D 47 -20.50 -1.94 -21.16
C ARG D 47 -21.52 -3.08 -21.22
N ILE D 48 -21.27 -4.16 -20.42
CA ILE D 48 -22.17 -5.31 -20.37
C ILE D 48 -23.35 -4.97 -19.45
N ARG D 49 -23.11 -4.31 -18.32
CA ARG D 49 -24.20 -3.93 -17.40
C ARG D 49 -25.15 -2.91 -18.05
N THR D 50 -24.66 -2.08 -18.98
CA THR D 50 -25.52 -1.12 -19.65
C THR D 50 -26.34 -1.81 -20.77
N TYR D 51 -25.74 -2.84 -21.43
CA TYR D 51 -26.43 -3.64 -22.44
C TYR D 51 -27.52 -4.49 -21.75
N ASN D 52 -27.22 -5.05 -20.55
CA ASN D 52 -28.16 -5.85 -19.79
C ASN D 52 -29.23 -4.95 -19.17
N VAL D 63 -26.22 -11.36 -20.85
CA VAL D 63 -24.84 -11.53 -21.28
C VAL D 63 -23.92 -11.73 -20.07
N SER D 64 -23.07 -12.80 -20.08
CA SER D 64 -22.10 -13.08 -19.01
C SER D 64 -21.05 -11.97 -18.95
N GLN D 65 -20.66 -11.58 -17.73
CA GLN D 65 -19.71 -10.50 -17.48
C GLN D 65 -18.25 -10.96 -17.58
N ARG D 66 -17.64 -10.90 -18.80
CA ARG D 66 -16.24 -11.28 -19.13
C ARG D 66 -16.04 -11.38 -20.66
N LEU D 67 -14.79 -11.33 -21.13
CA LEU D 67 -14.48 -11.47 -22.56
C LEU D 67 -13.83 -12.83 -22.78
N TYR D 68 -14.44 -13.68 -23.62
CA TYR D 68 -13.88 -15.00 -23.89
C TYR D 68 -13.06 -14.94 -25.19
N ILE D 69 -11.77 -15.23 -25.08
CA ILE D 69 -10.87 -15.17 -26.21
C ILE D 69 -10.56 -16.55 -26.73
N LEU D 70 -10.83 -16.81 -28.01
CA LEU D 70 -10.55 -18.10 -28.62
C LEU D 70 -9.11 -18.15 -29.07
N LEU D 71 -8.35 -19.12 -28.59
CA LEU D 71 -6.98 -19.31 -28.98
C LEU D 71 -6.78 -20.67 -29.66
N PRO D 72 -7.16 -20.79 -30.95
CA PRO D 72 -6.89 -22.06 -31.65
C PRO D 72 -5.37 -22.23 -31.80
N LEU D 73 -4.79 -23.29 -31.22
CA LEU D 73 -3.35 -23.51 -31.29
C LEU D 73 -2.85 -23.80 -32.74
N ASP D 74 -3.80 -24.11 -33.68
CA ASP D 74 -3.47 -24.26 -35.10
C ASP D 74 -3.32 -22.91 -35.82
N CYS D 75 -3.70 -21.78 -35.16
CA CYS D 75 -3.62 -20.41 -35.64
C CYS D 75 -4.58 -20.10 -36.82
N GLY D 76 -5.62 -20.90 -36.97
CA GLY D 76 -6.64 -20.71 -38.00
C GLY D 76 -7.75 -19.81 -37.51
N VAL D 77 -7.84 -18.60 -38.06
CA VAL D 77 -8.84 -17.61 -37.68
C VAL D 77 -9.77 -17.37 -38.87
N PRO D 78 -11.03 -17.82 -38.81
CA PRO D 78 -11.95 -17.58 -39.94
C PRO D 78 -12.41 -16.12 -40.08
N ASP D 79 -13.03 -15.76 -41.23
CA ASP D 79 -13.50 -14.39 -41.46
C ASP D 79 -14.63 -14.04 -40.48
N ASN D 80 -15.57 -14.97 -40.28
CA ASN D 80 -16.67 -14.82 -39.34
C ASN D 80 -16.63 -15.97 -38.33
N LEU D 81 -16.89 -15.66 -37.05
CA LEU D 81 -16.89 -16.64 -35.96
C LEU D 81 -17.97 -17.70 -36.17
N SER D 82 -19.15 -17.28 -36.69
CA SER D 82 -20.29 -18.15 -36.96
C SER D 82 -20.02 -19.27 -37.97
N MET D 83 -18.96 -19.13 -38.80
CA MET D 83 -18.59 -20.15 -39.78
C MET D 83 -17.95 -21.38 -39.12
N ALA D 84 -17.30 -21.20 -37.95
CA ALA D 84 -16.63 -22.28 -37.21
C ALA D 84 -17.57 -23.30 -36.54
N ASP D 85 -18.86 -22.94 -36.31
CA ASP D 85 -19.83 -23.83 -35.67
C ASP D 85 -21.27 -23.31 -35.89
N PRO D 86 -22.20 -24.16 -36.38
CA PRO D 86 -23.59 -23.69 -36.56
C PRO D 86 -24.31 -23.38 -35.24
N ASN D 87 -23.84 -23.97 -34.12
CA ASN D 87 -24.40 -23.73 -32.79
C ASN D 87 -23.96 -22.36 -32.20
N ILE D 88 -22.97 -21.67 -32.80
CA ILE D 88 -22.57 -20.34 -32.35
C ILE D 88 -23.23 -19.30 -33.25
N ARG D 89 -24.35 -18.72 -32.80
CA ARG D 89 -25.08 -17.75 -33.60
C ARG D 89 -24.88 -16.30 -33.16
N PHE D 90 -24.61 -15.40 -34.13
CA PHE D 90 -24.42 -13.98 -33.86
C PHE D 90 -25.69 -13.36 -33.27
N LEU D 91 -25.54 -12.68 -32.14
CA LEU D 91 -26.68 -12.07 -31.50
C LEU D 91 -26.72 -10.58 -31.71
N ASP D 92 -25.66 -9.88 -31.29
CA ASP D 92 -25.61 -8.44 -31.36
C ASP D 92 -24.17 -7.92 -31.16
N LYS D 93 -23.95 -6.64 -31.47
CA LYS D 93 -22.67 -6.02 -31.21
C LYS D 93 -22.78 -5.32 -29.84
N LEU D 94 -21.71 -5.36 -29.07
CA LEU D 94 -21.64 -4.68 -27.78
C LEU D 94 -21.26 -3.24 -28.13
N PRO D 95 -22.12 -2.25 -27.83
CA PRO D 95 -21.83 -0.86 -28.24
C PRO D 95 -20.66 -0.17 -27.51
N SER D 110 -15.36 -2.84 -31.05
CA SER D 110 -16.19 -3.72 -31.89
C SER D 110 -16.30 -5.14 -31.33
N ASN D 111 -17.05 -5.30 -30.23
CA ASN D 111 -17.23 -6.61 -29.63
C ASN D 111 -18.55 -7.25 -30.03
N SER D 112 -18.59 -8.58 -30.07
CA SER D 112 -19.77 -9.31 -30.51
C SER D 112 -20.26 -10.32 -29.50
N ILE D 113 -21.57 -10.29 -29.23
CA ILE D 113 -22.27 -11.20 -28.33
C ILE D 113 -22.83 -12.38 -29.16
N TYR D 114 -22.61 -13.62 -28.71
CA TYR D 114 -23.10 -14.79 -29.43
C TYR D 114 -23.94 -15.67 -28.51
N GLU D 115 -24.90 -16.38 -29.09
CA GLU D 115 -25.68 -17.34 -28.33
C GLU D 115 -25.13 -18.71 -28.65
N LEU D 116 -24.76 -19.46 -27.63
N LEU D 116 -24.76 -19.46 -27.62
CA LEU D 116 -24.24 -20.81 -27.79
CA LEU D 116 -24.24 -20.81 -27.79
C LEU D 116 -25.43 -21.77 -27.71
C LEU D 116 -25.43 -21.77 -27.71
N LEU D 117 -25.50 -22.75 -28.62
CA LEU D 117 -26.61 -23.70 -28.64
C LEU D 117 -26.17 -25.11 -28.30
N GLU D 118 -27.03 -25.83 -27.61
CA GLU D 118 -26.78 -27.22 -27.24
C GLU D 118 -28.12 -27.91 -27.45
N ASN D 119 -28.20 -28.78 -28.47
CA ASN D 119 -29.41 -29.51 -28.84
C ASN D 119 -30.54 -28.57 -29.30
N GLY D 120 -30.19 -27.46 -29.95
CA GLY D 120 -31.17 -26.50 -30.44
C GLY D 120 -31.64 -25.47 -29.44
N GLN D 121 -31.27 -25.62 -28.16
CA GLN D 121 -31.67 -24.68 -27.11
C GLN D 121 -30.53 -23.71 -26.76
N ARG D 122 -30.88 -22.47 -26.34
CA ARG D 122 -29.88 -21.47 -25.97
C ARG D 122 -29.20 -21.79 -24.64
N ALA D 123 -27.99 -22.36 -24.72
CA ALA D 123 -27.19 -22.77 -23.58
C ALA D 123 -26.28 -21.70 -22.98
N GLY D 124 -26.16 -20.56 -23.63
CA GLY D 124 -25.31 -19.48 -23.13
C GLY D 124 -25.27 -18.25 -24.00
N THR D 125 -24.82 -17.13 -23.45
CA THR D 125 -24.72 -15.85 -24.14
C THR D 125 -23.49 -15.14 -23.61
N CYS D 126 -22.51 -14.85 -24.47
CA CYS D 126 -21.28 -14.20 -24.02
C CYS D 126 -20.63 -13.39 -25.12
N VAL D 127 -19.70 -12.48 -24.74
CA VAL D 127 -18.90 -11.70 -25.69
C VAL D 127 -17.70 -12.59 -26.03
N LEU D 128 -17.60 -13.00 -27.30
CA LEU D 128 -16.58 -13.93 -27.76
C LEU D 128 -15.86 -13.42 -29.00
N GLU D 129 -14.56 -13.72 -29.13
CA GLU D 129 -13.73 -13.31 -30.27
C GLU D 129 -12.41 -14.06 -30.29
N TYR D 130 -11.74 -14.12 -31.46
CA TYR D 130 -10.46 -14.82 -31.57
C TYR D 130 -9.30 -13.93 -31.13
N ALA D 131 -8.18 -14.55 -30.71
CA ALA D 131 -6.96 -13.81 -30.40
C ALA D 131 -6.38 -13.56 -31.83
N THR D 132 -6.70 -12.40 -32.44
CA THR D 132 -6.31 -12.09 -33.82
C THR D 132 -4.78 -12.12 -34.08
N PRO D 133 -3.87 -11.75 -33.14
CA PRO D 133 -2.44 -11.89 -33.40
C PRO D 133 -1.97 -13.28 -33.82
N LEU D 134 -2.78 -14.34 -33.59
CA LEU D 134 -2.43 -15.69 -34.05
C LEU D 134 -2.35 -15.76 -35.59
N GLN D 135 -2.99 -14.81 -36.32
CA GLN D 135 -2.92 -14.75 -37.78
C GLN D 135 -1.51 -14.47 -38.29
N THR D 136 -0.67 -13.79 -37.48
CA THR D 136 0.73 -13.55 -37.86
C THR D 136 1.46 -14.88 -37.90
N LEU D 137 1.26 -15.73 -36.90
CA LEU D 137 1.88 -17.05 -36.84
C LEU D 137 1.45 -17.96 -38.00
N PHE D 138 0.14 -17.94 -38.36
CA PHE D 138 -0.34 -18.74 -39.47
C PHE D 138 0.26 -18.26 -40.79
N ALA D 139 0.25 -16.94 -41.01
CA ALA D 139 0.80 -16.35 -42.25
C ALA D 139 2.27 -16.65 -42.36
N MET D 140 3.02 -16.55 -41.24
CA MET D 140 4.44 -16.85 -41.18
C MET D 140 4.73 -18.28 -41.58
N SER D 141 3.86 -19.21 -41.15
CA SER D 141 4.02 -20.62 -41.44
C SER D 141 3.80 -20.95 -42.93
N GLN D 142 3.13 -20.07 -43.70
CA GLN D 142 2.93 -20.27 -45.13
C GLN D 142 3.98 -19.52 -46.00
N TYR D 143 4.64 -18.51 -45.44
CA TYR D 143 5.65 -17.67 -46.12
C TYR D 143 7.02 -18.34 -46.05
N SER D 144 7.51 -18.86 -47.18
CA SER D 144 8.78 -19.57 -47.29
CA SER D 144 8.79 -19.56 -47.30
C SER D 144 9.98 -18.88 -46.64
N GLN D 145 10.24 -17.59 -46.97
CA GLN D 145 11.38 -16.83 -46.46
C GLN D 145 11.49 -16.73 -44.93
N ALA D 146 10.37 -16.87 -44.22
CA ALA D 146 10.40 -16.83 -42.75
C ALA D 146 11.13 -18.01 -42.12
N GLY D 147 11.19 -19.15 -42.81
CA GLY D 147 11.80 -20.39 -42.33
C GLY D 147 11.16 -20.84 -41.04
N PHE D 148 9.82 -20.76 -40.99
CA PHE D 148 8.97 -20.99 -39.83
C PHE D 148 8.04 -22.15 -40.15
N SER D 149 8.31 -23.34 -39.59
CA SER D 149 7.55 -24.57 -39.82
C SER D 149 6.23 -24.64 -39.04
N ARG D 150 5.37 -25.64 -39.32
CA ARG D 150 4.15 -25.82 -38.53
C ARG D 150 4.49 -26.27 -37.08
N GLU D 151 5.65 -26.93 -36.89
CA GLU D 151 6.12 -27.34 -35.56
C GLU D 151 6.52 -26.07 -34.79
N ASP D 152 7.24 -25.13 -35.44
CA ASP D 152 7.64 -23.84 -34.87
C ASP D 152 6.39 -23.02 -34.58
N ARG D 153 5.36 -23.09 -35.43
CA ARG D 153 4.10 -22.36 -35.27
C ARG D 153 3.32 -22.83 -34.05
N LEU D 154 3.30 -24.14 -33.79
CA LEU D 154 2.61 -24.68 -32.62
C LEU D 154 3.33 -24.25 -31.32
N GLU D 155 4.68 -24.22 -31.36
CA GLU D 155 5.52 -23.82 -30.22
C GLU D 155 5.31 -22.34 -29.88
N GLN D 156 5.11 -21.49 -30.90
CA GLN D 156 4.85 -20.07 -30.71
C GLN D 156 3.41 -19.82 -30.30
N ALA D 157 2.44 -20.63 -30.79
CA ALA D 157 1.03 -20.45 -30.39
C ALA D 157 0.86 -20.74 -28.89
N LYS D 158 1.59 -21.76 -28.41
CA LYS D 158 1.60 -22.15 -27.00
C LYS D 158 2.29 -21.07 -26.16
N LEU D 159 3.44 -20.57 -26.63
CA LEU D 159 4.19 -19.50 -25.96
C LEU D 159 3.38 -18.21 -25.89
N PHE D 160 2.59 -17.90 -26.91
CA PHE D 160 1.72 -16.73 -26.94
C PHE D 160 0.67 -16.82 -25.84
N CYS D 161 0.07 -18.02 -25.63
CA CYS D 161 -0.94 -18.21 -24.57
C CYS D 161 -0.31 -18.12 -23.19
N GLN D 162 0.87 -18.73 -23.03
CA GLN D 162 1.58 -18.73 -21.76
C GLN D 162 2.03 -17.30 -21.39
N THR D 163 2.64 -16.57 -22.35
CA THR D 163 3.08 -15.18 -22.15
C THR D 163 1.89 -14.28 -21.86
N LEU D 164 0.75 -14.47 -22.56
CA LEU D 164 -0.42 -13.63 -22.33
C LEU D 164 -1.02 -13.92 -20.97
N GLU D 165 -1.03 -15.19 -20.52
CA GLU D 165 -1.54 -15.52 -19.19
C GLU D 165 -0.65 -14.87 -18.13
N ASP D 166 0.70 -14.86 -18.35
CA ASP D 166 1.67 -14.24 -17.44
C ASP D 166 1.43 -12.73 -17.35
N ILE D 167 1.11 -12.09 -18.49
CA ILE D 167 0.84 -10.67 -18.54
C ILE D 167 -0.45 -10.39 -17.79
N LEU D 168 -1.50 -11.17 -18.06
CA LEU D 168 -2.82 -11.03 -17.42
C LEU D 168 -2.80 -11.30 -15.94
N ALA D 169 -1.85 -12.11 -15.45
CA ALA D 169 -1.70 -12.40 -14.03
C ALA D 169 -1.33 -11.12 -13.24
N ASP D 170 -0.51 -10.24 -13.84
CA ASP D 170 -0.07 -8.98 -13.26
C ASP D 170 -1.00 -7.79 -13.50
N ALA D 171 -2.06 -7.97 -14.30
CA ALA D 171 -3.04 -6.92 -14.55
C ALA D 171 -4.37 -7.37 -13.88
N PRO D 172 -4.67 -6.85 -12.67
CA PRO D 172 -5.85 -7.31 -11.92
C PRO D 172 -7.23 -7.09 -12.59
N GLU D 173 -7.53 -5.84 -12.99
CA GLU D 173 -8.79 -5.53 -13.67
C GLU D 173 -8.92 -6.23 -15.05
N SER D 174 -7.80 -6.66 -15.64
CA SER D 174 -7.81 -7.34 -16.91
C SER D 174 -8.07 -8.85 -16.79
N GLN D 175 -7.36 -9.55 -15.87
CA GLN D 175 -7.52 -10.99 -15.64
C GLN D 175 -8.92 -11.34 -15.14
N ASN D 176 -9.53 -10.47 -14.31
CA ASN D 176 -10.88 -10.69 -13.81
C ASN D 176 -11.95 -10.50 -14.92
N ASN D 177 -11.64 -9.77 -16.01
CA ASN D 177 -12.60 -9.48 -17.06
C ASN D 177 -12.32 -10.24 -18.37
N CYS D 178 -11.45 -11.26 -18.35
CA CYS D 178 -11.16 -12.03 -19.56
CA CYS D 178 -11.08 -12.00 -19.56
C CYS D 178 -10.85 -13.49 -19.27
N ARG D 179 -11.18 -14.38 -20.24
CA ARG D 179 -10.96 -15.83 -20.13
C ARG D 179 -10.40 -16.36 -21.45
N LEU D 180 -9.27 -17.05 -21.37
CA LEU D 180 -8.61 -17.58 -22.55
C LEU D 180 -8.99 -19.02 -22.77
N ILE D 181 -9.47 -19.32 -23.98
CA ILE D 181 -9.88 -20.67 -24.35
C ILE D 181 -8.89 -21.21 -25.38
N ALA D 182 -7.85 -21.92 -24.92
CA ALA D 182 -6.86 -22.50 -25.82
C ALA D 182 -7.27 -23.92 -26.19
N TYR D 183 -7.17 -24.26 -27.47
CA TYR D 183 -7.58 -25.59 -27.92
C TYR D 183 -6.85 -26.08 -29.17
N GLN D 184 -6.69 -27.39 -29.28
CA GLN D 184 -6.14 -28.06 -30.45
C GLN D 184 -7.29 -28.89 -31.05
N GLU D 185 -7.51 -28.78 -32.36
CA GLU D 185 -8.58 -29.54 -33.02
C GLU D 185 -8.03 -30.94 -33.33
N PRO D 186 -8.82 -32.00 -33.11
CA PRO D 186 -8.31 -33.35 -33.40
C PRO D 186 -8.07 -33.62 -34.88
N PHE D 192 -15.08 -32.09 -33.87
CA PHE D 192 -14.80 -31.11 -32.82
C PHE D 192 -15.93 -30.11 -32.72
N SER D 193 -16.33 -29.76 -31.49
CA SER D 193 -17.40 -28.79 -31.26
C SER D 193 -16.82 -27.60 -30.54
N LEU D 194 -16.76 -26.46 -31.20
CA LEU D 194 -16.22 -25.25 -30.59
C LEU D 194 -17.18 -24.68 -29.55
N SER D 195 -18.50 -24.74 -29.83
CA SER D 195 -19.49 -24.24 -28.88
C SER D 195 -19.42 -24.99 -27.55
N GLN D 196 -19.14 -26.31 -27.60
CA GLN D 196 -19.02 -27.17 -26.42
C GLN D 196 -17.79 -26.81 -25.61
N GLU D 197 -16.67 -26.51 -26.29
CA GLU D 197 -15.41 -26.08 -25.69
C GLU D 197 -15.66 -24.76 -24.95
N VAL D 198 -16.40 -23.83 -25.55
CA VAL D 198 -16.72 -22.55 -24.93
C VAL D 198 -17.65 -22.74 -23.73
N LEU D 199 -18.71 -23.55 -23.90
CA LEU D 199 -19.71 -23.86 -22.86
C LEU D 199 -19.09 -24.45 -21.61
N ARG D 200 -18.04 -25.27 -21.77
CA ARG D 200 -17.33 -25.87 -20.64
C ARG D 200 -16.66 -24.78 -19.78
N HIS D 201 -16.06 -23.78 -20.42
CA HIS D 201 -15.40 -22.68 -19.73
C HIS D 201 -16.41 -21.78 -19.02
N LEU D 202 -17.57 -21.53 -19.67
CA LEU D 202 -18.65 -20.70 -19.12
C LEU D 202 -19.12 -21.24 -17.77
N ARG D 203 -19.21 -22.57 -17.65
CA ARG D 203 -19.65 -23.25 -16.44
C ARG D 203 -18.52 -23.43 -15.41
N SER E 23 -11.29 -5.19 28.25
CA SER E 23 -9.93 -4.73 27.96
C SER E 23 -8.94 -5.36 28.94
N VAL E 24 -8.27 -6.42 28.49
CA VAL E 24 -7.27 -7.16 29.25
C VAL E 24 -6.07 -6.34 29.72
N ALA E 25 -5.76 -5.22 29.06
CA ALA E 25 -4.61 -4.39 29.38
C ALA E 25 -4.65 -3.78 30.76
N HIS E 26 -5.84 -3.45 31.29
N HIS E 26 -5.83 -3.46 31.29
CA HIS E 26 -5.95 -2.88 32.64
CA HIS E 26 -5.95 -2.88 32.64
C HIS E 26 -5.48 -3.85 33.71
C HIS E 26 -5.47 -3.86 33.72
N GLY E 27 -5.82 -5.13 33.55
CA GLY E 27 -5.43 -6.19 34.49
C GLY E 27 -3.97 -6.54 34.39
N LEU E 28 -3.44 -6.55 33.16
CA LEU E 28 -2.04 -6.85 32.87
C LEU E 28 -1.11 -5.76 33.41
N ALA E 29 -1.48 -4.46 33.25
CA ALA E 29 -0.68 -3.33 33.76
C ALA E 29 -0.71 -3.24 35.28
N TRP E 30 -1.86 -3.52 35.91
CA TRP E 30 -1.94 -3.49 37.37
C TRP E 30 -1.18 -4.63 38.02
N SER E 31 -1.20 -5.84 37.40
CA SER E 31 -0.43 -6.98 37.91
C SER E 31 1.08 -6.77 37.76
N TYR E 32 1.50 -6.22 36.60
CA TYR E 32 2.91 -5.93 36.33
C TYR E 32 3.47 -4.97 37.38
N TYR E 33 2.72 -3.90 37.70
CA TYR E 33 3.17 -2.97 38.72
C TYR E 33 3.08 -3.56 40.13
N ILE E 34 1.88 -3.98 40.59
CA ILE E 34 1.67 -4.38 41.97
C ILE E 34 2.40 -5.67 42.35
N GLY E 35 2.65 -6.55 41.39
CA GLY E 35 3.32 -7.81 41.67
C GLY E 35 4.79 -7.86 41.37
N TYR E 36 5.35 -6.79 40.80
CA TYR E 36 6.74 -6.80 40.39
C TYR E 36 7.46 -5.43 40.48
N LEU E 37 7.06 -4.43 39.69
CA LEU E 37 7.74 -3.11 39.70
C LEU E 37 7.70 -2.41 41.05
N ARG E 38 6.55 -2.47 41.73
CA ARG E 38 6.37 -1.89 43.07
C ARG E 38 7.37 -2.48 44.06
N LEU E 39 7.73 -3.76 43.89
CA LEU E 39 8.67 -4.44 44.77
C LEU E 39 10.17 -4.25 44.40
N ILE E 40 10.54 -4.23 43.09
CA ILE E 40 11.94 -4.09 42.71
C ILE E 40 12.45 -2.64 42.54
N LEU E 41 11.61 -1.70 42.08
CA LEU E 41 12.03 -0.31 41.86
C LEU E 41 12.49 0.46 43.12
N PRO E 42 11.88 0.31 44.32
CA PRO E 42 12.40 1.05 45.49
C PRO E 42 13.79 0.60 45.98
N GLU E 43 14.23 -0.62 45.57
CA GLU E 43 15.54 -1.15 45.97
C GLU E 43 16.58 -1.18 44.83
N LEU E 44 16.19 -0.77 43.60
CA LEU E 44 17.05 -0.79 42.41
C LEU E 44 18.21 0.19 42.48
N GLN E 45 17.98 1.41 43.01
CA GLN E 45 19.03 2.42 43.12
C GLN E 45 20.19 1.95 44.01
N ALA E 46 19.89 1.27 45.12
CA ALA E 46 20.91 0.74 46.02
C ALA E 46 21.67 -0.42 45.38
N ARG E 47 20.99 -1.25 44.56
CA ARG E 47 21.57 -2.40 43.88
C ARG E 47 22.55 -1.96 42.78
N ILE E 48 22.19 -0.90 42.05
CA ILE E 48 23.05 -0.37 41.00
C ILE E 48 24.26 0.34 41.62
N ARG E 49 24.04 1.08 42.72
CA ARG E 49 25.14 1.75 43.42
C ARG E 49 26.12 0.74 44.01
N THR E 50 25.61 -0.41 44.50
CA THR E 50 26.47 -1.47 45.05
C THR E 50 27.36 -2.05 43.95
N TYR E 51 26.75 -2.39 42.80
CA TYR E 51 27.44 -2.93 41.62
C TYR E 51 28.51 -1.94 41.09
N ASN E 52 28.19 -0.64 41.08
CA ASN E 52 29.10 0.39 40.62
C ASN E 52 30.28 0.56 41.60
N GLN E 53 30.03 0.39 42.90
CA GLN E 53 31.06 0.48 43.93
C GLN E 53 32.05 -0.68 43.81
N HIS E 54 31.61 -1.92 43.46
CA HIS E 54 32.57 -3.03 43.39
C HIS E 54 33.06 -3.34 41.96
N TYR E 55 32.88 -2.38 41.02
CA TYR E 55 33.51 -2.34 39.68
C TYR E 55 33.94 -0.91 39.35
N ALA E 62 30.24 2.26 34.14
CA ALA E 62 29.22 2.38 35.19
C ALA E 62 27.79 2.24 34.63
N VAL E 63 26.95 1.50 35.34
CA VAL E 63 25.57 1.22 35.00
C VAL E 63 24.68 2.44 35.34
N SER E 64 23.80 2.84 34.39
CA SER E 64 22.85 3.96 34.61
C SER E 64 21.81 3.55 35.67
N GLN E 65 21.35 4.49 36.50
CA GLN E 65 20.51 4.26 37.67
C GLN E 65 18.99 3.90 37.52
N ARG E 66 18.47 3.65 36.30
CA ARG E 66 17.05 3.30 36.15
C ARG E 66 16.87 1.99 35.38
N LEU E 67 15.69 1.36 35.53
CA LEU E 67 15.37 0.14 34.80
C LEU E 67 14.69 0.55 33.51
N TYR E 68 15.28 0.20 32.39
CA TYR E 68 14.68 0.50 31.09
C TYR E 68 13.81 -0.69 30.66
N ILE E 69 12.52 -0.44 30.48
CA ILE E 69 11.58 -1.49 30.12
C ILE E 69 11.24 -1.41 28.65
N LEU E 70 11.47 -2.49 27.90
CA LEU E 70 11.15 -2.51 26.48
C LEU E 70 9.70 -2.87 26.29
N LEU E 71 8.95 -2.02 25.60
CA LEU E 71 7.56 -2.28 25.30
C LEU E 71 7.34 -2.35 23.78
N PRO E 72 7.69 -3.49 23.14
CA PRO E 72 7.39 -3.62 21.71
C PRO E 72 5.87 -3.66 21.52
N LEU E 73 5.31 -2.68 20.79
CA LEU E 73 3.86 -2.63 20.58
C LEU E 73 3.32 -3.82 19.75
N ASP E 74 4.23 -4.59 19.08
CA ASP E 74 3.86 -5.82 18.37
C ASP E 74 3.70 -7.03 19.32
N CYS E 75 4.10 -6.88 20.61
CA CYS E 75 4.01 -7.87 21.68
C CYS E 75 4.94 -9.08 21.47
N GLY E 76 5.98 -8.93 20.66
CA GLY E 76 6.96 -9.96 20.41
C GLY E 76 8.10 -9.90 21.42
N VAL E 77 8.19 -10.90 22.29
CA VAL E 77 9.21 -10.96 23.33
C VAL E 77 10.10 -12.18 23.05
N PRO E 78 11.36 -11.97 22.64
CA PRO E 78 12.24 -13.13 22.35
C PRO E 78 12.71 -13.87 23.61
N ASP E 79 13.30 -15.07 23.42
CA ASP E 79 13.79 -15.90 24.55
C ASP E 79 14.94 -15.18 25.29
N ASN E 80 15.87 -14.61 24.52
CA ASN E 80 16.97 -13.82 25.05
C ASN E 80 16.95 -12.43 24.40
N LEU E 81 17.20 -11.37 25.18
CA LEU E 81 17.21 -9.98 24.71
C LEU E 81 18.36 -9.74 23.71
N SER E 82 19.48 -10.45 23.85
CA SER E 82 20.62 -10.34 22.96
C SER E 82 20.33 -10.78 21.50
N MET E 83 19.27 -11.60 21.30
CA MET E 83 18.88 -12.09 19.98
C MET E 83 18.22 -10.99 19.12
N ALA E 84 17.61 -9.97 19.75
CA ALA E 84 16.94 -8.86 19.07
C ALA E 84 17.87 -7.88 18.36
N ASP E 85 19.16 -7.83 18.72
CA ASP E 85 20.12 -6.90 18.10
C ASP E 85 21.54 -7.34 18.47
N PRO E 86 22.45 -7.51 17.48
CA PRO E 86 23.84 -7.89 17.78
C PRO E 86 24.63 -6.84 18.59
N ASN E 87 24.21 -5.57 18.51
CA ASN E 87 24.83 -4.49 19.28
C ASN E 87 24.41 -4.48 20.77
N ILE E 88 23.41 -5.30 21.16
CA ILE E 88 22.98 -5.42 22.54
C ILE E 88 23.66 -6.66 23.12
N ARG E 89 24.76 -6.46 23.83
CA ARG E 89 25.53 -7.58 24.40
C ARG E 89 25.32 -7.73 25.91
N PHE E 90 25.05 -8.98 26.37
CA PHE E 90 24.85 -9.26 27.80
C PHE E 90 26.14 -8.99 28.56
N LEU E 91 26.04 -8.21 29.62
CA LEU E 91 27.20 -7.84 30.42
C LEU E 91 27.25 -8.65 31.71
N ASP E 92 26.23 -8.52 32.55
CA ASP E 92 26.21 -9.16 33.85
C ASP E 92 24.76 -9.19 34.41
N LYS E 93 24.56 -9.93 35.49
CA LYS E 93 23.30 -9.92 36.20
C LYS E 93 23.48 -8.92 37.36
N LEU E 94 22.44 -8.16 37.64
CA LEU E 94 22.46 -7.22 38.75
C LEU E 94 22.12 -8.06 39.99
N PRO E 95 23.03 -8.14 40.96
CA PRO E 95 22.78 -9.00 42.13
C PRO E 95 21.60 -8.62 43.01
N GLN E 96 21.09 -9.62 43.77
CA GLN E 96 19.95 -9.61 44.69
C GLN E 96 18.62 -9.68 43.92
N SER E 110 15.91 -11.16 39.40
CA SER E 110 16.95 -11.34 38.37
C SER E 110 16.87 -10.29 37.25
N ASN E 111 17.72 -9.26 37.33
CA ASN E 111 17.77 -8.23 36.29
C ASN E 111 19.12 -8.30 35.55
N SER E 112 19.15 -7.90 34.27
CA SER E 112 20.37 -7.97 33.48
C SER E 112 20.90 -6.62 33.01
N ILE E 113 22.22 -6.49 33.02
CA ILE E 113 22.96 -5.30 32.57
C ILE E 113 23.44 -5.60 31.14
N TYR E 114 23.33 -4.61 30.23
CA TYR E 114 23.75 -4.79 28.85
C TYR E 114 24.66 -3.65 28.36
N GLU E 115 25.53 -3.95 27.40
CA GLU E 115 26.37 -2.91 26.79
C GLU E 115 25.75 -2.62 25.45
N LEU E 116 25.38 -1.37 25.19
CA LEU E 116 24.81 -0.99 23.90
C LEU E 116 25.98 -0.55 23.01
N LEU E 117 26.01 -1.00 21.75
CA LEU E 117 27.10 -0.64 20.84
C LEU E 117 26.62 0.24 19.68
N GLU E 118 27.48 1.17 19.29
CA GLU E 118 27.22 2.04 18.16
C GLU E 118 28.53 2.12 17.40
N ASN E 119 28.57 1.52 16.20
CA ASN E 119 29.75 1.45 15.34
C ASN E 119 30.91 0.67 15.97
N GLY E 120 30.58 -0.36 16.75
CA GLY E 120 31.60 -1.19 17.40
C GLY E 120 32.09 -0.70 18.74
N GLN E 121 31.72 0.53 19.13
CA GLN E 121 32.15 1.10 20.41
C GLN E 121 31.05 1.04 21.47
N ARG E 122 31.42 0.92 22.76
CA ARG E 122 30.44 0.87 23.85
C ARG E 122 29.79 2.24 24.10
N ALA E 123 28.57 2.40 23.58
CA ALA E 123 27.79 3.65 23.67
C ALA E 123 26.92 3.78 24.91
N GLY E 124 26.78 2.72 25.70
CA GLY E 124 25.98 2.77 26.91
C GLY E 124 25.94 1.49 27.71
N THR E 125 25.51 1.57 28.98
CA THR E 125 25.41 0.43 29.89
C THR E 125 24.20 0.66 30.78
N CYS E 126 23.25 -0.28 30.77
CA CYS E 126 22.03 -0.11 31.56
C CYS E 126 21.35 -1.44 31.90
N VAL E 127 20.45 -1.40 32.89
CA VAL E 127 19.63 -2.54 33.29
C VAL E 127 18.44 -2.50 32.34
N LEU E 128 18.30 -3.53 31.50
CA LEU E 128 17.26 -3.56 30.48
C LEU E 128 16.48 -4.89 30.48
N GLU E 129 15.19 -4.83 30.20
CA GLU E 129 14.32 -6.02 30.13
C GLU E 129 12.99 -5.71 29.47
N TYR E 130 12.30 -6.72 28.95
CA TYR E 130 11.01 -6.53 28.30
C TYR E 130 9.86 -6.47 29.30
N ALA E 131 8.74 -5.82 28.91
CA ALA E 131 7.54 -5.82 29.74
C ALA E 131 6.93 -7.19 29.42
N THR E 132 7.24 -8.23 30.23
CA THR E 132 6.82 -9.61 29.95
C THR E 132 5.28 -9.82 29.86
N PRO E 133 4.41 -9.09 30.60
CA PRO E 133 2.96 -9.25 30.39
C PRO E 133 2.46 -9.06 28.96
N LEU E 134 3.26 -8.43 28.06
CA LEU E 134 2.90 -8.30 26.65
C LEU E 134 2.77 -9.68 25.97
N GLN E 135 3.41 -10.74 26.53
CA GLN E 135 3.31 -12.10 25.99
C GLN E 135 1.88 -12.65 26.06
N THR E 136 1.06 -12.17 27.02
CA THR E 136 -0.33 -12.60 27.11
C THR E 136 -1.08 -12.08 25.88
N LEU E 137 -0.85 -10.82 25.49
CA LEU E 137 -1.49 -10.23 24.33
C LEU E 137 -1.08 -10.93 23.03
N PHE E 138 0.21 -11.28 22.88
CA PHE E 138 0.66 -11.98 21.69
C PHE E 138 0.03 -13.37 21.61
N ALA E 139 0.03 -14.12 22.73
CA ALA E 139 -0.53 -15.46 22.78
C ALA E 139 -2.03 -15.41 22.49
N MET E 140 -2.73 -14.40 23.03
CA MET E 140 -4.16 -14.21 22.80
C MET E 140 -4.47 -13.99 21.34
N SER E 141 -3.60 -13.27 20.64
CA SER E 141 -3.76 -12.96 19.24
C SER E 141 -3.61 -14.18 18.32
N GLN E 142 -3.00 -15.27 18.80
CA GLN E 142 -2.87 -16.50 17.99
C GLN E 142 -3.96 -17.53 18.36
N TYR E 143 -4.52 -17.46 19.59
CA TYR E 143 -5.55 -18.37 20.12
C TYR E 143 -6.93 -17.99 19.57
N SER E 144 -7.44 -18.78 18.62
CA SER E 144 -8.70 -18.50 17.93
C SER E 144 -9.90 -18.16 18.82
N GLN E 145 -10.16 -18.98 19.87
CA GLN E 145 -11.31 -18.81 20.76
C GLN E 145 -11.37 -17.46 21.49
N ALA E 146 -10.23 -16.79 21.67
CA ALA E 146 -10.22 -15.47 22.31
C ALA E 146 -10.92 -14.38 21.50
N GLY E 147 -11.02 -14.54 20.18
CA GLY E 147 -11.61 -13.57 19.27
C GLY E 147 -10.91 -12.23 19.37
N PHE E 148 -9.58 -12.29 19.43
CA PHE E 148 -8.68 -11.16 19.67
C PHE E 148 -7.75 -11.02 18.45
N SER E 149 -8.02 -10.02 17.60
CA SER E 149 -7.29 -9.77 16.36
C SER E 149 -5.94 -9.05 16.58
N ARG E 150 -5.10 -8.91 15.53
CA ARG E 150 -3.85 -8.15 15.65
C ARG E 150 -4.16 -6.63 15.85
N GLU E 151 -5.32 -6.16 15.35
CA GLU E 151 -5.76 -4.78 15.51
C GLU E 151 -6.12 -4.56 16.99
N ASP E 152 -6.86 -5.55 17.60
CA ASP E 152 -7.21 -5.54 19.02
C ASP E 152 -5.95 -5.63 19.87
N ARG E 153 -4.95 -6.40 19.44
CA ARG E 153 -3.68 -6.59 20.14
C ARG E 153 -2.88 -5.29 20.21
N LEU E 154 -2.86 -4.53 19.11
CA LEU E 154 -2.15 -3.25 19.08
C LEU E 154 -2.82 -2.22 20.01
N GLU E 155 -4.17 -2.23 20.06
CA GLU E 155 -4.98 -1.36 20.90
C GLU E 155 -4.76 -1.64 22.38
N GLN E 156 -4.59 -2.93 22.73
CA GLN E 156 -4.31 -3.34 24.11
C GLN E 156 -2.86 -3.09 24.48
N ALA E 157 -1.91 -3.25 23.54
CA ALA E 157 -0.50 -2.97 23.83
C ALA E 157 -0.30 -1.49 24.17
N LYS E 158 -1.02 -0.61 23.46
CA LYS E 158 -0.98 0.83 23.67
C LYS E 158 -1.66 1.17 25.01
N LEU E 159 -2.82 0.56 25.29
CA LEU E 159 -3.56 0.75 26.54
C LEU E 159 -2.73 0.29 27.74
N PHE E 160 -1.96 -0.79 27.60
CA PHE E 160 -1.09 -1.31 28.64
C PHE E 160 -0.01 -0.28 28.98
N CYS E 161 0.57 0.35 27.96
N CYS E 161 0.57 0.37 27.95
CA CYS E 161 1.61 1.36 28.13
CA CYS E 161 1.59 1.40 28.10
C CYS E 161 1.04 2.64 28.79
C CYS E 161 1.02 2.62 28.80
N GLN E 162 -0.17 3.06 28.37
CA GLN E 162 -0.84 4.24 28.91
C GLN E 162 -1.29 4.02 30.36
N THR E 163 -1.89 2.84 30.66
CA THR E 163 -2.32 2.49 32.01
C THR E 163 -1.10 2.38 32.93
N LEU E 164 0.05 1.85 32.42
CA LEU E 164 1.25 1.73 33.22
C LEU E 164 1.88 3.08 33.50
N GLU E 165 1.86 4.01 32.53
CA GLU E 165 2.42 5.34 32.77
C GLU E 165 1.48 6.16 33.71
N ASP E 166 0.16 5.83 33.77
CA ASP E 166 -0.82 6.43 34.71
C ASP E 166 -0.54 5.92 36.13
N ILE E 167 -0.22 4.63 36.26
CA ILE E 167 0.09 4.00 37.53
C ILE E 167 1.41 4.58 38.04
N LEU E 168 2.43 4.67 37.18
CA LEU E 168 3.74 5.19 37.55
C LEU E 168 3.73 6.67 37.92
N ALA E 169 2.77 7.44 37.39
CA ALA E 169 2.62 8.86 37.71
C ALA E 169 2.31 9.06 39.21
N ASP E 170 1.53 8.14 39.79
CA ASP E 170 1.14 8.16 41.20
C ASP E 170 2.13 7.45 42.14
N ALA E 171 3.13 6.76 41.61
CA ALA E 171 4.15 6.10 42.42
C ALA E 171 5.48 6.88 42.23
N PRO E 172 5.83 7.78 43.18
CA PRO E 172 7.03 8.62 43.01
C PRO E 172 8.40 7.88 42.93
N GLU E 173 8.69 7.01 43.91
CA GLU E 173 9.92 6.22 43.92
C GLU E 173 9.99 5.21 42.74
N SER E 174 8.84 4.88 42.12
CA SER E 174 8.81 3.98 40.97
C SER E 174 8.99 4.70 39.62
N GLN E 175 8.40 5.90 39.46
CA GLN E 175 8.54 6.67 38.22
C GLN E 175 9.96 7.19 38.04
N ASN E 176 10.62 7.58 39.14
CA ASN E 176 11.99 8.04 39.08
C ASN E 176 13.00 6.88 38.85
N ASN E 177 12.58 5.62 39.05
CA ASN E 177 13.48 4.47 38.92
C ASN E 177 13.26 3.62 37.67
N CYS E 178 12.30 3.98 36.80
CA CYS E 178 12.09 3.22 35.57
CA CYS E 178 12.06 3.21 35.58
C CYS E 178 11.74 4.11 34.37
N ARG E 179 12.11 3.64 33.18
CA ARG E 179 11.85 4.35 31.93
C ARG E 179 11.24 3.36 30.94
N LEU E 180 10.10 3.74 30.36
CA LEU E 180 9.39 2.89 29.43
C LEU E 180 9.76 3.26 28.00
N ILE E 181 10.20 2.27 27.24
CA ILE E 181 10.58 2.45 25.84
C ILE E 181 9.55 1.75 24.96
N ALA E 182 8.52 2.46 24.52
CA ALA E 182 7.50 1.90 23.66
C ALA E 182 7.89 2.12 22.20
N TYR E 183 7.77 1.08 21.36
CA TYR E 183 8.16 1.19 19.97
C TYR E 183 7.39 0.27 19.02
N GLN E 184 7.23 0.72 17.79
CA GLN E 184 6.65 -0.02 16.69
C GLN E 184 7.79 -0.21 15.67
N GLU E 185 7.97 -1.43 15.15
CA GLU E 185 9.00 -1.67 14.14
C GLU E 185 8.46 -1.26 12.77
N PRO E 186 9.28 -0.59 11.93
CA PRO E 186 8.79 -0.15 10.62
C PRO E 186 8.47 -1.29 9.67
N SER E 191 16.48 -2.73 8.99
CA SER E 191 15.63 -1.55 8.92
C SER E 191 15.38 -0.89 10.30
N PHE E 192 15.46 -1.67 11.41
CA PHE E 192 15.22 -1.17 12.77
C PHE E 192 16.37 -1.56 13.72
N SER E 193 16.86 -0.60 14.51
CA SER E 193 17.92 -0.88 15.47
C SER E 193 17.38 -0.61 16.87
N LEU E 194 17.25 -1.68 17.66
CA LEU E 194 16.75 -1.60 19.04
C LEU E 194 17.75 -0.90 19.94
N SER E 195 19.06 -1.11 19.71
CA SER E 195 20.10 -0.44 20.49
C SER E 195 20.03 1.09 20.26
N GLN E 196 19.68 1.54 19.04
CA GLN E 196 19.54 2.97 18.74
C GLN E 196 18.34 3.57 19.46
N GLU E 197 17.24 2.81 19.54
CA GLU E 197 16.02 3.21 20.22
C GLU E 197 16.30 3.37 21.72
N VAL E 198 17.03 2.43 22.33
CA VAL E 198 17.39 2.50 23.75
C VAL E 198 18.35 3.67 24.00
N LEU E 199 19.40 3.79 23.18
CA LEU E 199 20.40 4.86 23.26
C LEU E 199 19.80 6.26 23.23
N ARG E 200 18.72 6.46 22.44
CA ARG E 200 18.03 7.74 22.34
C ARG E 200 17.40 8.12 23.68
N HIS E 201 16.81 7.15 24.38
CA HIS E 201 16.18 7.37 25.68
C HIS E 201 17.22 7.65 26.76
N LEU E 202 18.37 6.93 26.71
CA LEU E 202 19.47 7.09 27.65
C LEU E 202 19.97 8.54 27.67
N ARG E 203 20.05 9.16 26.48
CA ARG E 203 20.53 10.53 26.32
C ARG E 203 19.43 11.58 26.59
N MET F 22 -12.89 0.76 33.79
CA MET F 22 -11.93 -0.34 33.69
C MET F 22 -12.23 -1.48 34.65
N SER F 23 -11.67 -2.67 34.37
CA SER F 23 -11.83 -3.87 35.18
C SER F 23 -10.55 -4.70 35.04
N VAL F 24 -9.98 -5.21 36.15
CA VAL F 24 -8.72 -5.98 36.13
C VAL F 24 -8.84 -7.51 36.01
N ALA F 25 -10.00 -8.07 36.35
CA ALA F 25 -10.20 -9.50 36.33
C ALA F 25 -10.10 -10.13 34.97
N HIS F 26 -10.52 -9.43 33.91
N HIS F 26 -10.52 -9.42 33.92
CA HIS F 26 -10.47 -9.97 32.57
CA HIS F 26 -10.46 -9.97 32.56
C HIS F 26 -9.04 -10.25 32.11
C HIS F 26 -9.03 -10.26 32.13
N GLY F 27 -8.11 -9.37 32.47
CA GLY F 27 -6.71 -9.50 32.14
C GLY F 27 -6.02 -10.56 32.97
N LEU F 28 -6.39 -10.65 34.26
CA LEU F 28 -5.87 -11.65 35.20
C LEU F 28 -6.29 -13.09 34.82
N ALA F 29 -7.54 -13.29 34.39
CA ALA F 29 -8.04 -14.60 33.99
C ALA F 29 -7.45 -15.04 32.64
N TRP F 30 -7.28 -14.11 31.69
CA TRP F 30 -6.70 -14.46 30.40
C TRP F 30 -5.23 -14.81 30.49
N SER F 31 -4.50 -14.10 31.36
CA SER F 31 -3.07 -14.37 31.55
CA SER F 31 -3.08 -14.36 31.56
C SER F 31 -2.87 -15.70 32.29
N TYR F 32 -3.70 -15.98 33.31
CA TYR F 32 -3.62 -17.23 34.08
C TYR F 32 -3.80 -18.43 33.16
N TYR F 33 -4.80 -18.36 32.26
CA TYR F 33 -5.01 -19.44 31.30
C TYR F 33 -3.91 -19.49 30.22
N ILE F 34 -3.73 -18.43 29.43
CA ILE F 34 -2.85 -18.45 28.27
C ILE F 34 -1.36 -18.61 28.62
N GLY F 35 -0.95 -18.16 29.79
CA GLY F 35 0.44 -18.24 30.18
C GLY F 35 0.80 -19.40 31.10
N TYR F 36 -0.20 -20.18 31.54
CA TYR F 36 0.07 -21.24 32.49
C TYR F 36 -0.84 -22.50 32.34
N LEU F 37 -2.16 -22.38 32.54
CA LEU F 37 -3.07 -23.53 32.47
C LEU F 37 -3.09 -24.19 31.09
N ARG F 38 -3.10 -23.39 30.04
CA ARG F 38 -3.10 -23.88 28.65
C ARG F 38 -1.86 -24.76 28.39
N LEU F 39 -0.73 -24.45 29.05
CA LEU F 39 0.52 -25.20 28.89
C LEU F 39 0.64 -26.46 29.79
N ILE F 40 0.16 -26.41 31.07
CA ILE F 40 0.31 -27.58 31.95
C ILE F 40 -0.85 -28.60 31.90
N LEU F 41 -2.10 -28.16 31.65
CA LEU F 41 -3.27 -29.05 31.65
C LEU F 41 -3.27 -30.15 30.56
N PRO F 42 -2.79 -29.91 29.30
CA PRO F 42 -2.80 -31.01 28.31
C PRO F 42 -1.81 -32.16 28.63
N GLU F 43 -0.82 -31.91 29.52
CA GLU F 43 0.17 -32.91 29.90
C GLU F 43 0.02 -33.45 31.32
N LEU F 44 -0.95 -32.93 32.10
CA LEU F 44 -1.19 -33.30 33.49
C LEU F 44 -1.67 -34.76 33.70
N GLN F 45 -2.60 -35.26 32.87
CA GLN F 45 -3.10 -36.64 32.99
C GLN F 45 -1.99 -37.69 32.82
N ALA F 46 -1.00 -37.43 31.94
CA ALA F 46 0.13 -38.34 31.72
C ALA F 46 1.10 -38.30 32.91
N ARG F 47 1.28 -37.12 33.52
CA ARG F 47 2.16 -36.94 34.67
C ARG F 47 1.58 -37.63 35.91
N ILE F 48 0.26 -37.57 36.07
CA ILE F 48 -0.42 -38.21 37.18
C ILE F 48 -0.37 -39.73 37.02
N ARG F 49 -0.63 -40.22 35.79
CA ARG F 49 -0.58 -41.64 35.49
C ARG F 49 0.81 -42.21 35.70
N THR F 50 1.86 -41.44 35.35
CA THR F 50 3.25 -41.87 35.55
C THR F 50 3.53 -42.05 37.05
N TYR F 51 3.16 -41.04 37.87
CA TYR F 51 3.32 -41.03 39.32
C TYR F 51 2.55 -42.20 39.98
N ASN F 52 1.35 -42.50 39.48
CA ASN F 52 0.54 -43.60 40.01
C ASN F 52 1.15 -44.96 39.66
N GLN F 53 1.74 -45.07 38.48
CA GLN F 53 2.42 -46.29 38.04
C GLN F 53 3.68 -46.53 38.88
N HIS F 54 4.41 -45.46 39.17
CA HIS F 54 5.63 -45.43 39.96
C HIS F 54 5.38 -46.01 41.37
N VAL F 63 -3.85 -40.80 43.49
CA VAL F 63 -3.78 -39.45 42.93
C VAL F 63 -4.79 -39.22 41.81
N SER F 64 -5.81 -38.36 42.05
CA SER F 64 -6.90 -37.99 41.12
C SER F 64 -6.36 -37.26 39.89
N GLN F 65 -6.90 -37.58 38.70
CA GLN F 65 -6.46 -37.10 37.39
C GLN F 65 -6.73 -35.61 37.06
N ARG F 66 -7.10 -34.78 38.03
CA ARG F 66 -7.37 -33.37 37.76
C ARG F 66 -6.57 -32.41 38.64
N LEU F 67 -6.47 -31.12 38.22
CA LEU F 67 -5.79 -30.07 38.99
C LEU F 67 -6.86 -29.28 39.71
N TYR F 68 -6.83 -29.30 41.04
CA TYR F 68 -7.81 -28.55 41.82
C TYR F 68 -7.24 -27.17 42.14
N ILE F 69 -7.92 -26.13 41.67
CA ILE F 69 -7.46 -24.76 41.89
C ILE F 69 -8.26 -24.09 42.98
N LEU F 70 -7.62 -23.61 44.02
CA LEU F 70 -8.29 -22.93 45.11
C LEU F 70 -8.50 -21.47 44.76
N LEU F 71 -9.75 -21.02 44.78
CA LEU F 71 -10.07 -19.63 44.51
C LEU F 71 -10.74 -18.99 45.73
N PRO F 72 -9.95 -18.60 46.76
CA PRO F 72 -10.55 -17.89 47.88
C PRO F 72 -11.05 -16.52 47.39
N LEU F 73 -12.36 -16.26 47.49
CA LEU F 73 -12.92 -14.99 47.04
C LEU F 73 -12.40 -13.77 47.86
N ASP F 74 -11.79 -14.03 49.05
CA ASP F 74 -11.15 -12.98 49.85
C ASP F 74 -9.74 -12.58 49.30
N CYS F 75 -9.21 -13.34 48.33
CA CYS F 75 -7.92 -13.13 47.67
C CYS F 75 -6.70 -13.33 48.59
N GLY F 76 -6.89 -14.04 49.69
CA GLY F 76 -5.80 -14.36 50.60
C GLY F 76 -5.09 -15.64 50.22
N VAL F 77 -3.83 -15.52 49.78
CA VAL F 77 -3.02 -16.65 49.38
C VAL F 77 -1.86 -16.81 50.38
N PRO F 78 -1.88 -17.87 51.22
CA PRO F 78 -0.81 -18.03 52.21
C PRO F 78 0.52 -18.50 51.62
N ASP F 79 1.61 -18.45 52.44
CA ASP F 79 2.94 -18.88 52.04
C ASP F 79 2.98 -20.38 51.71
N ASN F 80 2.34 -21.20 52.55
CA ASN F 80 2.20 -22.64 52.35
C ASN F 80 0.71 -23.02 52.47
N LEU F 81 0.27 -24.03 51.71
CA LEU F 81 -1.11 -24.54 51.71
C LEU F 81 -1.54 -25.12 53.08
N SER F 82 -0.67 -25.95 53.69
CA SER F 82 -0.93 -26.57 55.00
C SER F 82 -1.13 -25.57 56.15
N MET F 83 -0.77 -24.29 55.95
CA MET F 83 -1.02 -23.27 56.97
C MET F 83 -2.53 -22.90 57.04
N ALA F 84 -3.28 -23.08 55.92
CA ALA F 84 -4.70 -22.79 55.85
C ALA F 84 -5.55 -23.90 56.51
N ASP F 85 -5.02 -25.14 56.60
CA ASP F 85 -5.74 -26.27 57.20
C ASP F 85 -4.79 -27.40 57.61
N PRO F 86 -4.86 -27.87 58.87
CA PRO F 86 -3.96 -28.97 59.29
C PRO F 86 -4.25 -30.29 58.58
N ASN F 87 -5.51 -30.49 58.11
CA ASN F 87 -5.95 -31.69 57.39
C ASN F 87 -5.62 -31.63 55.89
N ILE F 88 -4.61 -30.84 55.49
CA ILE F 88 -4.14 -30.71 54.12
C ILE F 88 -2.63 -30.86 54.27
N ARG F 89 -2.11 -32.08 54.04
CA ARG F 89 -0.67 -32.34 54.22
C ARG F 89 0.04 -32.61 52.91
N PHE F 90 1.20 -31.99 52.69
CA PHE F 90 1.97 -32.20 51.45
C PHE F 90 2.49 -33.64 51.34
N LEU F 91 2.38 -34.23 50.15
CA LEU F 91 2.83 -35.58 49.93
C LEU F 91 4.13 -35.60 49.12
N ASP F 92 4.10 -34.98 47.93
CA ASP F 92 5.23 -34.94 47.02
C ASP F 92 4.99 -33.96 45.88
N LYS F 93 6.07 -33.57 45.18
CA LYS F 93 5.95 -32.74 44.01
C LYS F 93 5.66 -33.69 42.84
N LEU F 94 4.75 -33.29 41.93
CA LEU F 94 4.41 -34.07 40.74
C LEU F 94 5.52 -33.75 39.75
N PRO F 95 6.30 -34.78 39.34
CA PRO F 95 7.44 -34.56 38.43
C PRO F 95 7.10 -33.95 37.07
N SER F 110 6.00 -26.94 38.37
CA SER F 110 6.06 -27.42 39.74
C SER F 110 4.68 -27.50 40.40
N ASN F 111 4.09 -28.71 40.43
CA ASN F 111 2.79 -28.91 41.07
C ASN F 111 2.94 -29.82 42.28
N SER F 112 2.02 -29.72 43.24
CA SER F 112 2.12 -30.54 44.43
C SER F 112 0.90 -31.43 44.64
N ILE F 113 1.12 -32.61 45.24
CA ILE F 113 0.10 -33.58 45.61
C ILE F 113 -0.09 -33.42 47.13
N TYR F 114 -1.36 -33.42 47.61
CA TYR F 114 -1.68 -33.27 49.01
C TYR F 114 -2.65 -34.32 49.45
N GLU F 115 -2.44 -34.86 50.65
CA GLU F 115 -3.36 -35.82 51.22
C GLU F 115 -4.34 -35.03 52.07
N LEU F 116 -5.63 -35.22 51.80
N LEU F 116 -5.63 -35.22 51.80
CA LEU F 116 -6.68 -34.55 52.56
CA LEU F 116 -6.69 -34.55 52.56
C LEU F 116 -7.09 -35.47 53.70
C LEU F 116 -7.09 -35.46 53.70
N LEU F 117 -7.23 -34.91 54.92
CA LEU F 117 -7.58 -35.71 56.08
C LEU F 117 -8.95 -35.36 56.61
N GLU F 118 -9.66 -36.37 57.09
CA GLU F 118 -10.96 -36.21 57.69
C GLU F 118 -10.95 -37.11 58.91
N ASN F 119 -10.92 -36.50 60.11
CA ASN F 119 -10.87 -37.21 61.39
C ASN F 119 -9.59 -38.04 61.56
N GLY F 120 -8.47 -37.54 61.04
CA GLY F 120 -7.19 -38.22 61.15
C GLY F 120 -6.89 -39.26 60.09
N GLN F 121 -7.90 -39.61 59.28
CA GLN F 121 -7.73 -40.63 58.23
C GLN F 121 -7.55 -40.00 56.85
N ARG F 122 -6.80 -40.65 55.95
CA ARG F 122 -6.57 -40.13 54.59
C ARG F 122 -7.82 -40.26 53.72
N ALA F 123 -8.55 -39.16 53.57
CA ALA F 123 -9.79 -39.07 52.81
C ALA F 123 -9.63 -38.78 51.32
N GLY F 124 -8.43 -38.43 50.88
CA GLY F 124 -8.20 -38.13 49.47
C GLY F 124 -6.78 -37.74 49.14
N THR F 125 -6.42 -37.78 47.85
CA THR F 125 -5.09 -37.41 47.37
C THR F 125 -5.26 -36.68 46.05
N CYS F 126 -4.87 -35.39 45.97
CA CYS F 126 -5.06 -34.61 44.75
C CYS F 126 -3.94 -33.58 44.48
N VAL F 127 -3.86 -33.09 43.24
CA VAL F 127 -2.92 -32.05 42.85
C VAL F 127 -3.63 -30.74 43.16
N LEU F 128 -3.17 -30.00 44.17
CA LEU F 128 -3.87 -28.80 44.61
C LEU F 128 -2.96 -27.57 44.61
N GLU F 129 -3.51 -26.40 44.29
CA GLU F 129 -2.79 -25.13 44.32
C GLU F 129 -3.73 -23.94 44.24
N TYR F 130 -3.28 -22.76 44.69
CA TYR F 130 -4.11 -21.55 44.64
C TYR F 130 -4.08 -20.89 43.26
N ALA F 131 -5.14 -20.12 42.93
CA ALA F 131 -5.14 -19.34 41.69
C ALA F 131 -4.30 -18.11 42.08
N THR F 132 -2.98 -18.16 41.82
CA THR F 132 -2.05 -17.10 42.26
C THR F 132 -2.39 -15.67 41.72
N PRO F 133 -2.97 -15.47 40.51
CA PRO F 133 -3.38 -14.11 40.11
C PRO F 133 -4.30 -13.37 41.08
N LEU F 134 -4.95 -14.09 42.02
CA LEU F 134 -5.77 -13.43 43.05
C LEU F 134 -4.92 -12.50 43.95
N GLN F 135 -3.59 -12.75 44.04
CA GLN F 135 -2.66 -11.91 44.82
C GLN F 135 -2.61 -10.48 44.29
N THR F 136 -2.86 -10.26 42.99
CA THR F 136 -2.89 -8.91 42.44
C THR F 136 -4.05 -8.14 43.03
N LEU F 137 -5.23 -8.77 43.13
CA LEU F 137 -6.42 -8.15 43.68
C LEU F 137 -6.25 -7.81 45.17
N PHE F 138 -5.62 -8.73 45.94
CA PHE F 138 -5.37 -8.47 47.36
C PHE F 138 -4.39 -7.32 47.55
N ALA F 139 -3.28 -7.32 46.77
CA ALA F 139 -2.28 -6.27 46.84
C ALA F 139 -2.90 -4.92 46.42
N MET F 140 -3.76 -4.92 45.39
CA MET F 140 -4.46 -3.71 44.95
C MET F 140 -5.34 -3.12 46.03
N SER F 141 -6.00 -3.99 46.80
CA SER F 141 -6.88 -3.59 47.88
C SER F 141 -6.12 -2.96 49.06
N GLN F 142 -4.79 -3.18 49.17
CA GLN F 142 -3.92 -2.60 50.23
C GLN F 142 -3.14 -1.36 49.73
N TYR F 143 -3.08 -1.13 48.40
CA TYR F 143 -2.38 0.02 47.79
C TYR F 143 -3.38 1.18 47.69
N SER F 144 -3.21 2.19 48.55
CA SER F 144 -4.08 3.36 48.65
CA SER F 144 -4.08 3.36 48.64
C SER F 144 -4.41 4.05 47.32
N GLN F 145 -3.39 4.40 46.51
CA GLN F 145 -3.58 5.10 45.25
C GLN F 145 -4.48 4.41 44.23
N ALA F 146 -4.63 3.08 44.32
CA ALA F 146 -5.49 2.35 43.37
C ALA F 146 -6.98 2.70 43.54
N GLY F 147 -7.39 3.14 44.73
CA GLY F 147 -8.78 3.46 45.06
C GLY F 147 -9.66 2.25 44.84
N PHE F 148 -9.15 1.07 45.26
CA PHE F 148 -9.74 -0.24 45.06
C PHE F 148 -10.11 -0.81 46.43
N SER F 149 -11.40 -0.77 46.78
CA SER F 149 -11.95 -1.19 48.06
C SER F 149 -12.04 -2.71 48.22
N ARG F 150 -12.37 -3.20 49.44
CA ARG F 150 -12.58 -4.64 49.61
C ARG F 150 -13.88 -5.08 48.90
N GLU F 151 -14.86 -4.16 48.73
CA GLU F 151 -16.09 -4.44 48.00
C GLU F 151 -15.75 -4.61 46.50
N ASP F 152 -14.88 -3.73 45.95
CA ASP F 152 -14.39 -3.80 44.57
C ASP F 152 -13.59 -5.08 44.38
N ARG F 153 -12.80 -5.48 45.39
CA ARG F 153 -11.97 -6.68 45.36
C ARG F 153 -12.80 -7.96 45.28
N LEU F 154 -13.92 -8.01 46.02
CA LEU F 154 -14.79 -9.17 45.99
C LEU F 154 -15.49 -9.29 44.60
N GLU F 155 -15.87 -8.13 44.01
CA GLU F 155 -16.51 -8.06 42.70
C GLU F 155 -15.57 -8.55 41.59
N GLN F 156 -14.28 -8.23 41.71
CA GLN F 156 -13.27 -8.68 40.76
C GLN F 156 -12.89 -10.14 40.99
N ALA F 157 -12.86 -10.61 42.24
CA ALA F 157 -12.55 -12.03 42.52
C ALA F 157 -13.61 -12.94 41.92
N LYS F 158 -14.89 -12.50 41.97
CA LYS F 158 -16.02 -13.22 41.41
C LYS F 158 -15.94 -13.20 39.88
N LEU F 159 -15.64 -12.03 39.29
CA LEU F 159 -15.50 -11.85 37.86
C LEU F 159 -14.34 -12.69 37.32
N PHE F 160 -13.23 -12.82 38.07
CA PHE F 160 -12.08 -13.63 37.69
C PHE F 160 -12.50 -15.11 37.57
N CYS F 161 -13.32 -15.62 38.51
CA CYS F 161 -13.77 -17.02 38.49
C CYS F 161 -14.73 -17.25 37.35
N GLN F 162 -15.65 -16.30 37.12
CA GLN F 162 -16.63 -16.39 36.04
C GLN F 162 -15.93 -16.35 34.67
N THR F 163 -15.01 -15.38 34.47
CA THR F 163 -14.25 -15.24 33.22
C THR F 163 -13.38 -16.47 32.99
N LEU F 164 -12.72 -16.98 34.05
CA LEU F 164 -11.87 -18.17 33.90
C LEU F 164 -12.70 -19.38 33.52
N GLU F 165 -13.93 -19.49 34.03
CA GLU F 165 -14.80 -20.61 33.68
C GLU F 165 -15.25 -20.49 32.23
N ASP F 166 -15.60 -19.27 31.79
CA ASP F 166 -15.97 -18.96 30.40
C ASP F 166 -14.82 -19.33 29.44
N ILE F 167 -13.58 -19.09 29.86
CA ILE F 167 -12.39 -19.45 29.10
C ILE F 167 -12.27 -20.97 29.07
N LEU F 168 -12.41 -21.63 30.22
CA LEU F 168 -12.32 -23.09 30.34
C LEU F 168 -13.40 -23.83 29.53
N ALA F 169 -14.58 -23.20 29.33
CA ALA F 169 -15.68 -23.76 28.56
C ALA F 169 -15.28 -23.98 27.09
N ASP F 170 -14.46 -23.05 26.54
CA ASP F 170 -13.96 -23.10 25.17
C ASP F 170 -12.69 -23.91 24.98
N ALA F 171 -12.05 -24.34 26.07
CA ALA F 171 -10.84 -25.16 25.98
C ALA F 171 -11.19 -26.57 26.52
N PRO F 172 -11.47 -27.54 25.61
CA PRO F 172 -11.93 -28.87 26.06
C PRO F 172 -10.91 -29.69 26.88
N GLU F 173 -9.65 -29.82 26.39
CA GLU F 173 -8.59 -30.54 27.09
C GLU F 173 -8.21 -29.85 28.44
N SER F 174 -8.50 -28.54 28.57
CA SER F 174 -8.21 -27.83 29.80
C SER F 174 -9.33 -28.02 30.83
N GLN F 175 -10.61 -27.85 30.43
CA GLN F 175 -11.75 -27.98 31.36
C GLN F 175 -11.87 -29.38 31.96
N ASN F 176 -11.53 -30.40 31.18
CA ASN F 176 -11.58 -31.77 31.65
C ASN F 176 -10.46 -32.10 32.66
N ASN F 177 -9.35 -31.37 32.62
CA ASN F 177 -8.22 -31.66 33.52
C ASN F 177 -8.07 -30.64 34.65
N CYS F 178 -9.11 -29.83 34.95
CA CYS F 178 -9.00 -28.87 36.05
CA CYS F 178 -9.01 -28.78 35.97
C CYS F 178 -10.36 -28.55 36.68
N ARG F 179 -10.35 -28.32 38.00
CA ARG F 179 -11.55 -28.04 38.78
C ARG F 179 -11.33 -26.80 39.65
N LEU F 180 -12.21 -25.83 39.52
CA LEU F 180 -12.12 -24.59 40.27
C LEU F 180 -12.95 -24.66 41.54
N ILE F 181 -12.31 -24.41 42.68
CA ILE F 181 -12.97 -24.43 43.98
C ILE F 181 -13.05 -23.00 44.50
N ALA F 182 -14.16 -22.30 44.23
CA ALA F 182 -14.37 -20.94 44.70
C ALA F 182 -15.07 -20.96 46.03
N TYR F 183 -14.60 -20.17 46.99
CA TYR F 183 -15.19 -20.14 48.32
C TYR F 183 -15.04 -18.82 49.05
N GLN F 184 -16.01 -18.52 49.93
CA GLN F 184 -15.98 -17.37 50.81
C GLN F 184 -15.90 -17.91 52.24
N GLU F 185 -14.98 -17.39 53.07
CA GLU F 185 -14.88 -17.84 54.45
C GLU F 185 -15.95 -17.11 55.28
N PRO F 186 -16.66 -17.82 56.19
CA PRO F 186 -17.73 -17.16 56.94
C PRO F 186 -17.27 -16.05 57.88
N PHE F 192 -14.46 -22.67 59.60
CA PHE F 192 -14.34 -23.03 58.18
C PHE F 192 -13.33 -24.14 57.97
N SER F 193 -13.68 -25.10 57.14
CA SER F 193 -12.82 -26.22 56.83
C SER F 193 -12.48 -26.18 55.36
N LEU F 194 -11.20 -25.93 55.02
CA LEU F 194 -10.79 -25.90 53.62
C LEU F 194 -10.69 -27.34 53.08
N SER F 195 -10.22 -28.28 53.91
CA SER F 195 -10.13 -29.68 53.52
C SER F 195 -11.51 -30.27 53.23
N GLN F 196 -12.55 -29.82 53.96
CA GLN F 196 -13.92 -30.29 53.73
C GLN F 196 -14.49 -29.74 52.43
N GLU F 197 -14.14 -28.48 52.11
CA GLU F 197 -14.55 -27.81 50.89
C GLU F 197 -13.94 -28.56 49.69
N VAL F 198 -12.65 -28.95 49.78
CA VAL F 198 -11.98 -29.66 48.70
C VAL F 198 -12.56 -31.07 48.55
N LEU F 199 -12.73 -31.81 49.66
CA LEU F 199 -13.28 -33.17 49.63
C LEU F 199 -14.66 -33.24 49.01
N ARG F 200 -15.49 -32.20 49.21
CA ARG F 200 -16.82 -32.17 48.62
C ARG F 200 -16.74 -32.16 47.09
N HIS F 201 -15.78 -31.41 46.53
CA HIS F 201 -15.58 -31.33 45.09
C HIS F 201 -15.02 -32.64 44.52
N LEU F 202 -14.11 -33.29 45.26
CA LEU F 202 -13.51 -34.57 44.87
C LEU F 202 -14.59 -35.63 44.65
N ARG F 203 -15.62 -35.65 45.52
CA ARG F 203 -16.71 -36.61 45.45
C ARG F 203 -17.81 -36.18 44.45
#